data_4Z63
#
_entry.id   4Z63
#
_cell.length_a   92.892
_cell.length_b   92.892
_cell.length_c   242.492
_cell.angle_alpha   90.00
_cell.angle_beta   90.00
_cell.angle_gamma   90.00
#
_symmetry.space_group_name_H-M   'P 43 2 2'
#
loop_
_entity.id
_entity.type
_entity.pdbx_description
1 polymer 'Phytosulfokine receptor 1'
2 polymer Phytosulfokine
3 non-polymer 2-acetamido-2-deoxy-beta-D-glucopyranose
4 water water
#
loop_
_entity_poly.entity_id
_entity_poly.type
_entity_poly.pdbx_seq_one_letter_code
_entity_poly.pdbx_strand_id
1 'polypeptide(L)'
;ESQTTSRCHPHDLEALRDFIAHLEPKPDGWINSSSSTDCCNWTGITCNSNNTGRVIRLELGNKKLSGKLSESLGKLDEIR
VLNLSRNFIKDSIPLSIFNLKNLQTLDLSSNDLSGGIPTSINLPALQSFDLSSNKFNGSLPSHICHNSTQIRVVKLAVNY
FAGNFTSGFGKCVLLEHLCLGMNDLTGNIPEDLFHLKRLNLLGIQENRLSGSLSREIRNLSSLVRLDVSWNLFSGEIPDV
FDELPQLKFFLGQTNGFIGGIPKSLANSPSLNLLNLRNNSLSGRLMLNCTAMIALNSLDLGTNRFNGRLPENLPDCKRLK
NVNLARNTFHGQVPESFKNFESLSYFSLSNSSLANISSALGILQHCKNLTTLVLTLNFHGEALPDDSSLHFEKLKVLVVA
NCRLTGSMPRWLSSSNELQLLDLSWNRLTGAIPSWIGDFKALFYLDLSNNSFTGEIPKSLTKLESLTSRNISVNEPSPDF
PFFMKRNESARALQYNQIFGFPPTIELGHNNLSGPIWEEFGNLKKLHVFDLKWNALSGSIPSSLSGMTSLEALDLSNNRL
SGSIPVSLQQLSFLSKFSVAYNNLSGVIPSGGQFQTFPNSSFESNHLCGEHRFPCSEGTESALIKHHHHHH
;
A
2 'polypeptide(L)' (TYS)I(TYS)TQ P
#
loop_
_chem_comp.id
_chem_comp.type
_chem_comp.name
_chem_comp.formula
NAG D-saccharide, beta linking 2-acetamido-2-deoxy-beta-D-glucopyranose 'C8 H15 N O6'
#
# COMPACT_ATOMS: atom_id res chain seq x y z
N ARG A 7 26.59 35.18 -27.27
CA ARG A 7 27.68 34.37 -27.82
C ARG A 7 28.48 33.69 -26.72
N CYS A 8 28.46 32.37 -26.69
CA CYS A 8 29.18 31.64 -25.66
C CYS A 8 30.41 30.91 -26.19
N HIS A 9 31.12 30.27 -25.27
CA HIS A 9 32.36 29.57 -25.57
C HIS A 9 32.18 28.53 -26.66
N PRO A 10 33.13 28.49 -27.62
CA PRO A 10 33.12 27.55 -28.74
C PRO A 10 33.15 26.10 -28.27
N HIS A 11 33.70 25.87 -27.09
CA HIS A 11 33.87 24.53 -26.54
C HIS A 11 32.54 24.03 -26.04
N ASP A 12 31.80 24.90 -25.36
CA ASP A 12 30.51 24.53 -24.81
C ASP A 12 29.54 24.43 -25.97
N LEU A 13 29.62 25.39 -26.88
CA LEU A 13 28.78 25.45 -28.06
C LEU A 13 28.83 24.14 -28.83
N GLU A 14 30.05 23.64 -29.04
CA GLU A 14 30.26 22.38 -29.72
C GLU A 14 29.65 21.23 -28.92
N ALA A 15 30.01 21.13 -27.64
CA ALA A 15 29.56 20.03 -26.80
C ALA A 15 28.04 19.96 -26.74
N LEU A 16 27.42 21.13 -26.66
CA LEU A 16 25.98 21.20 -26.54
C LEU A 16 25.28 20.80 -27.83
N ARG A 17 25.88 21.16 -28.96
CA ARG A 17 25.30 20.82 -30.25
C ARG A 17 25.36 19.32 -30.50
N ASP A 18 26.44 18.67 -30.08
CA ASP A 18 26.54 17.23 -30.21
C ASP A 18 25.56 16.51 -29.28
N PHE A 19 25.43 17.03 -28.07
CA PHE A 19 24.53 16.47 -27.07
C PHE A 19 23.12 16.35 -27.64
N ILE A 20 22.64 17.43 -28.25
CA ILE A 20 21.24 17.49 -28.67
C ILE A 20 21.07 16.82 -30.03
N ALA A 21 22.18 16.56 -30.71
CA ALA A 21 22.14 15.91 -32.01
C ALA A 21 21.66 14.47 -31.86
N HIS A 22 21.86 13.93 -30.67
CA HIS A 22 21.52 12.55 -30.37
C HIS A 22 20.18 12.39 -29.69
N LEU A 23 19.47 13.50 -29.46
CA LEU A 23 18.24 13.47 -28.67
C LEU A 23 17.05 14.13 -29.36
N GLU A 24 15.91 13.45 -29.29
CA GLU A 24 14.67 14.02 -29.77
C GLU A 24 13.61 13.88 -28.67
N PRO A 25 12.66 14.83 -28.60
CA PRO A 25 12.55 16.01 -29.44
C PRO A 25 13.49 17.13 -29.04
N LYS A 26 13.77 18.05 -29.95
CA LYS A 26 14.42 19.29 -29.56
C LYS A 26 13.46 20.09 -28.68
N PRO A 27 13.91 20.44 -27.48
CA PRO A 27 13.18 21.32 -26.55
C PRO A 27 12.89 22.67 -27.18
N ASP A 28 12.04 23.41 -26.51
CA ASP A 28 11.54 24.70 -26.98
C ASP A 28 12.67 25.62 -27.47
N GLY A 29 13.65 25.88 -26.61
CA GLY A 29 14.71 26.81 -26.93
C GLY A 29 15.89 26.26 -27.72
N TRP A 30 15.84 24.98 -28.08
CA TRP A 30 16.91 24.36 -28.86
C TRP A 30 16.65 24.24 -30.38
N ILE A 31 15.49 24.73 -30.84
CA ILE A 31 15.19 24.61 -32.25
C ILE A 31 16.16 25.45 -33.09
N ASN A 32 16.73 26.48 -32.46
CA ASN A 32 17.74 27.35 -33.07
C ASN A 32 19.16 26.84 -32.93
N SER A 33 19.32 25.66 -32.32
CA SER A 33 20.61 25.21 -31.78
C SER A 33 21.81 25.23 -32.72
N SER A 34 21.62 24.80 -33.96
CA SER A 34 22.72 24.66 -34.91
C SER A 34 23.09 25.99 -35.55
N SER A 35 22.23 26.99 -35.32
CA SER A 35 22.42 28.32 -35.87
C SER A 35 22.79 29.28 -34.73
N SER A 36 21.90 29.36 -33.75
CA SER A 36 22.09 30.22 -32.58
C SER A 36 23.46 30.02 -31.96
N THR A 37 24.09 31.13 -31.60
CA THR A 37 25.32 31.08 -30.86
C THR A 37 25.14 31.34 -29.36
N ASP A 38 23.93 31.67 -28.93
CA ASP A 38 23.76 32.06 -27.54
C ASP A 38 23.16 30.89 -26.76
N CYS A 39 24.05 30.11 -26.15
CA CYS A 39 23.65 28.81 -25.63
C CYS A 39 23.06 28.93 -24.24
N CYS A 40 23.52 29.94 -23.52
CA CYS A 40 23.14 30.11 -22.12
C CYS A 40 21.68 30.43 -21.95
N ASN A 41 21.06 30.94 -23.01
CA ASN A 41 19.62 31.15 -23.00
C ASN A 41 18.82 30.03 -23.63
N TRP A 42 19.49 28.95 -24.03
CA TRP A 42 18.79 27.72 -24.42
C TRP A 42 18.10 27.08 -23.22
N THR A 43 17.09 26.27 -23.47
CA THR A 43 16.31 25.63 -22.41
C THR A 43 17.19 24.75 -21.50
N GLY A 44 17.14 25.01 -20.19
CA GLY A 44 17.86 24.20 -19.23
C GLY A 44 19.36 24.43 -19.09
N ILE A 45 19.86 25.55 -19.60
CA ILE A 45 21.29 25.86 -19.49
C ILE A 45 21.53 27.04 -18.55
N THR A 46 22.56 26.95 -17.74
CA THR A 46 22.93 28.03 -16.87
C THR A 46 24.42 28.28 -16.98
N CYS A 47 24.81 29.54 -16.97
CA CYS A 47 26.23 29.91 -17.02
C CYS A 47 26.69 30.73 -15.82
N ASN A 48 28.01 30.78 -15.64
CA ASN A 48 28.63 31.68 -14.67
C ASN A 48 28.74 33.08 -15.27
N SER A 49 29.58 33.93 -14.67
CA SER A 49 29.53 35.37 -14.92
C SER A 49 28.12 35.80 -14.54
N ASN A 50 27.28 36.23 -15.46
CA ASN A 50 25.86 36.33 -15.07
C ASN A 50 25.01 35.21 -15.67
N ASN A 51 24.58 35.37 -16.92
CA ASN A 51 24.30 34.21 -17.75
C ASN A 51 25.38 34.01 -18.82
N THR A 52 26.42 34.84 -18.79
CA THR A 52 27.27 35.07 -19.97
C THR A 52 28.58 34.28 -20.13
N GLY A 53 28.92 33.41 -19.18
CA GLY A 53 30.19 32.69 -19.20
C GLY A 53 30.14 31.25 -19.72
N ARG A 54 30.94 30.39 -19.07
CA ARG A 54 30.92 28.95 -19.31
C ARG A 54 29.61 28.28 -18.86
N VAL A 55 29.30 27.11 -19.41
CA VAL A 55 28.10 26.40 -18.98
C VAL A 55 28.37 25.69 -17.65
N ILE A 56 27.68 26.10 -16.58
CA ILE A 56 27.82 25.41 -15.29
C ILE A 56 26.71 24.40 -14.93
N ARG A 57 25.58 24.48 -15.63
CA ARG A 57 24.43 23.62 -15.35
C ARG A 57 23.72 23.20 -16.62
N LEU A 58 23.54 21.88 -16.79
CA LEU A 58 22.67 21.40 -17.84
C LEU A 58 21.52 20.59 -17.19
N GLU A 59 20.31 21.18 -17.13
CA GLU A 59 19.22 20.51 -16.42
C GLU A 59 18.04 20.30 -17.34
N LEU A 60 17.96 19.10 -17.90
CA LEU A 60 16.94 18.68 -18.86
C LEU A 60 15.95 17.63 -18.36
N GLY A 61 15.87 17.46 -17.05
CA GLY A 61 14.94 16.50 -16.48
C GLY A 61 13.53 16.58 -17.00
N ASN A 62 12.91 15.41 -17.17
CA ASN A 62 11.49 15.30 -17.51
C ASN A 62 11.14 16.05 -18.78
N LYS A 63 12.01 15.94 -19.78
CA LYS A 63 11.81 16.56 -21.07
C LYS A 63 11.35 15.60 -22.18
N LYS A 64 11.07 14.35 -21.83
CA LYS A 64 10.65 13.34 -22.81
C LYS A 64 11.74 13.03 -23.83
N LEU A 65 12.99 13.22 -23.41
CA LEU A 65 14.16 13.08 -24.27
C LEU A 65 14.51 11.64 -24.60
N SER A 66 14.61 11.36 -25.90
CA SER A 66 14.82 9.99 -26.37
C SER A 66 16.07 9.87 -27.23
N GLY A 67 16.96 8.94 -26.88
CA GLY A 67 18.24 8.84 -27.57
C GLY A 67 19.39 8.38 -26.68
N LYS A 68 20.61 8.70 -27.09
CA LYS A 68 21.83 8.34 -26.33
C LYS A 68 22.59 9.58 -25.93
N LEU A 69 23.48 9.41 -24.96
CA LEU A 69 24.36 10.47 -24.47
C LEU A 69 25.64 10.64 -25.30
N SER A 70 25.86 11.85 -25.82
CA SER A 70 27.07 12.18 -26.56
C SER A 70 28.30 12.12 -25.66
N GLU A 71 29.41 11.60 -26.19
CA GLU A 71 30.68 11.63 -25.49
C GLU A 71 31.17 13.06 -25.29
N SER A 72 30.72 13.98 -26.13
CA SER A 72 31.24 15.33 -26.04
C SER A 72 30.58 16.10 -24.92
N LEU A 73 29.66 15.44 -24.22
CA LEU A 73 29.18 15.95 -22.94
C LEU A 73 30.36 16.14 -21.98
N GLY A 74 31.44 15.40 -22.22
CA GLY A 74 32.62 15.48 -21.39
C GLY A 74 33.52 16.67 -21.69
N LYS A 75 33.11 17.47 -22.68
CA LYS A 75 33.88 18.66 -23.03
C LYS A 75 33.43 19.90 -22.26
N LEU A 76 32.38 19.81 -21.44
CA LEU A 76 31.97 21.00 -20.71
C LEU A 76 32.74 21.01 -19.41
N ASP A 77 33.80 21.82 -19.38
CA ASP A 77 34.83 21.73 -18.34
C ASP A 77 34.30 22.32 -17.06
N GLU A 78 33.39 23.27 -17.19
CA GLU A 78 32.91 24.01 -16.04
C GLU A 78 31.58 23.52 -15.45
N ILE A 79 31.00 22.46 -16.03
CA ILE A 79 29.66 22.06 -15.63
C ILE A 79 29.67 21.52 -14.20
N ARG A 80 28.90 22.14 -13.33
CA ARG A 80 28.79 21.66 -11.95
C ARG A 80 27.58 20.76 -11.70
N VAL A 81 26.59 20.85 -12.58
CA VAL A 81 25.34 20.12 -12.41
C VAL A 81 24.87 19.52 -13.73
N LEU A 82 24.74 18.19 -13.78
CA LEU A 82 24.16 17.52 -14.94
C LEU A 82 22.89 16.71 -14.55
N ASN A 83 21.73 17.19 -14.98
CA ASN A 83 20.46 16.56 -14.64
C ASN A 83 19.69 16.16 -15.90
N LEU A 84 19.71 14.87 -16.18
CA LEU A 84 18.92 14.25 -17.24
C LEU A 84 17.76 13.35 -16.78
N SER A 85 17.43 13.39 -15.50
CA SER A 85 16.49 12.43 -14.94
C SER A 85 15.11 12.48 -15.62
N ARG A 86 14.37 11.37 -15.49
CA ARG A 86 13.01 11.23 -16.04
C ARG A 86 12.96 11.48 -17.55
N ASN A 87 13.77 10.73 -18.28
CA ASN A 87 13.72 10.77 -19.72
C ASN A 87 13.76 9.35 -20.24
N PHE A 88 13.84 9.23 -21.55
CA PHE A 88 13.98 7.95 -22.25
C PHE A 88 15.41 7.62 -22.72
N ILE A 89 16.40 8.32 -22.19
CA ILE A 89 17.79 8.10 -22.60
C ILE A 89 18.28 6.66 -22.38
N LYS A 90 18.94 6.11 -23.39
CA LYS A 90 19.39 4.72 -23.32
C LYS A 90 20.87 4.56 -23.63
N ASP A 91 21.28 3.29 -23.69
CA ASP A 91 22.68 2.83 -23.79
C ASP A 91 23.63 3.23 -22.65
N SER A 92 24.89 3.39 -22.99
CA SER A 92 25.95 3.52 -22.01
C SER A 92 26.15 4.95 -21.54
N ILE A 93 26.70 5.12 -20.35
CA ILE A 93 27.17 6.43 -19.94
C ILE A 93 28.57 6.60 -20.52
N PRO A 94 28.78 7.69 -21.27
CA PRO A 94 30.11 7.99 -21.81
C PRO A 94 31.17 8.12 -20.72
N LEU A 95 32.34 7.56 -21.00
CA LEU A 95 33.48 7.56 -20.09
C LEU A 95 33.86 8.96 -19.67
N SER A 96 33.85 9.86 -20.65
CA SER A 96 34.29 11.25 -20.45
C SER A 96 33.50 11.97 -19.37
N ILE A 97 32.28 11.53 -19.14
CA ILE A 97 31.45 12.09 -18.08
C ILE A 97 32.03 11.82 -16.68
N PHE A 98 32.73 10.69 -16.54
CA PHE A 98 33.28 10.33 -15.24
C PHE A 98 34.59 11.04 -14.92
N ASN A 99 35.05 11.88 -15.84
CA ASN A 99 36.22 12.69 -15.60
C ASN A 99 36.07 14.19 -15.37
N LEU A 100 34.83 14.67 -15.32
CA LEU A 100 34.56 16.09 -15.14
C LEU A 100 34.96 16.59 -13.75
N LYS A 101 35.85 17.57 -13.73
CA LYS A 101 36.58 17.97 -12.54
C LYS A 101 35.68 18.82 -11.64
N ASN A 102 34.69 19.48 -12.25
CA ASN A 102 33.79 20.37 -11.54
C ASN A 102 32.39 19.81 -11.22
N LEU A 103 32.11 18.58 -11.61
CA LEU A 103 30.75 18.11 -11.50
C LEU A 103 30.44 17.87 -10.03
N GLN A 104 29.51 18.65 -9.49
CA GLN A 104 29.07 18.41 -8.12
C GLN A 104 27.91 17.42 -8.02
N THR A 105 26.95 17.62 -8.91
CA THR A 105 25.66 16.94 -8.88
C THR A 105 25.40 16.19 -10.19
N LEU A 106 25.27 14.87 -10.11
CA LEU A 106 24.95 14.07 -11.29
C LEU A 106 23.62 13.32 -11.07
N ASP A 107 22.57 13.70 -11.79
CA ASP A 107 21.32 12.95 -11.70
C ASP A 107 20.96 12.43 -13.07
N LEU A 108 21.19 11.13 -13.25
CA LEU A 108 20.75 10.36 -14.42
C LEU A 108 19.54 9.46 -14.11
N SER A 109 18.98 9.59 -12.92
CA SER A 109 17.92 8.68 -12.47
C SER A 109 16.75 8.56 -13.44
N SER A 110 16.16 7.36 -13.47
CA SER A 110 14.93 7.14 -14.23
C SER A 110 15.10 7.42 -15.73
N ASN A 111 15.90 6.55 -16.36
CA ASN A 111 16.05 6.50 -17.80
C ASN A 111 16.19 5.04 -18.16
N ASP A 112 16.58 4.77 -19.40
CA ASP A 112 16.87 3.40 -19.86
C ASP A 112 18.36 3.01 -19.90
N LEU A 113 19.23 3.83 -19.28
CA LEU A 113 20.69 3.63 -19.32
C LEU A 113 21.16 2.27 -18.83
N SER A 114 22.20 1.74 -19.46
CA SER A 114 22.65 0.40 -19.10
C SER A 114 24.15 0.24 -19.22
N GLY A 115 24.58 -1.01 -19.14
CA GLY A 115 25.98 -1.31 -19.15
C GLY A 115 26.53 -1.19 -17.74
N GLY A 116 27.74 -0.65 -17.65
CA GLY A 116 28.41 -0.54 -16.38
C GLY A 116 29.26 0.71 -16.24
N ILE A 117 29.65 0.94 -14.99
CA ILE A 117 30.38 2.13 -14.59
C ILE A 117 31.86 1.80 -14.72
N PRO A 118 32.66 2.76 -15.24
CA PRO A 118 34.09 2.54 -15.47
C PRO A 118 34.86 2.22 -14.18
N THR A 119 35.92 1.42 -14.29
CA THR A 119 36.75 1.04 -13.14
C THR A 119 37.53 2.23 -12.60
N SER A 120 37.71 3.24 -13.45
CA SER A 120 38.46 4.42 -13.07
C SER A 120 37.60 5.68 -13.17
N ILE A 121 37.29 6.30 -12.05
CA ILE A 121 36.42 7.47 -12.02
C ILE A 121 37.12 8.60 -11.28
N ASN A 122 37.20 9.76 -11.90
CA ASN A 122 37.76 10.88 -11.17
C ASN A 122 36.85 12.10 -11.23
N LEU A 123 36.16 12.35 -10.13
CA LEU A 123 35.15 13.41 -10.05
C LEU A 123 35.30 14.05 -8.70
N PRO A 124 36.39 14.80 -8.50
CA PRO A 124 36.84 15.28 -7.19
C PRO A 124 35.77 16.14 -6.52
N ALA A 125 34.97 16.85 -7.32
CA ALA A 125 33.97 17.77 -6.80
C ALA A 125 32.59 17.14 -6.54
N LEU A 126 32.45 15.84 -6.79
CA LEU A 126 31.13 15.21 -6.73
C LEU A 126 30.51 15.21 -5.34
N GLN A 127 29.27 15.65 -5.25
CA GLN A 127 28.50 15.69 -4.00
C GLN A 127 27.45 14.58 -4.00
N SER A 128 26.57 14.63 -4.99
CA SER A 128 25.52 13.63 -5.15
C SER A 128 25.56 12.93 -6.50
N PHE A 129 25.37 11.62 -6.45
CA PHE A 129 25.47 10.71 -7.58
C PHE A 129 24.17 9.86 -7.64
N ASP A 130 23.34 10.08 -8.67
CA ASP A 130 22.06 9.38 -8.73
C ASP A 130 21.86 8.72 -10.08
N LEU A 131 22.00 7.40 -10.07
CA LEU A 131 21.77 6.50 -11.22
C LEU A 131 20.51 5.65 -11.09
N SER A 132 19.69 5.90 -10.08
CA SER A 132 18.60 4.98 -9.78
C SER A 132 17.55 4.88 -10.88
N SER A 133 16.84 3.76 -10.93
CA SER A 133 15.85 3.47 -11.99
C SER A 133 16.44 3.46 -13.38
N ASN A 134 17.33 2.51 -13.62
CA ASN A 134 17.93 2.32 -14.91
C ASN A 134 18.18 0.83 -15.08
N LYS A 135 18.95 0.48 -16.09
CA LYS A 135 19.34 -0.90 -16.36
C LYS A 135 20.75 -1.34 -15.94
N PHE A 136 21.41 -0.56 -15.09
CA PHE A 136 22.76 -0.91 -14.66
C PHE A 136 22.86 -2.23 -13.91
N ASN A 137 23.78 -3.08 -14.34
CA ASN A 137 24.12 -4.31 -13.62
C ASN A 137 25.57 -4.30 -13.19
N GLY A 138 26.04 -5.41 -12.62
CA GLY A 138 27.45 -5.54 -12.33
C GLY A 138 27.85 -5.23 -10.91
N SER A 139 29.12 -4.94 -10.72
CA SER A 139 29.61 -4.60 -9.40
C SER A 139 29.25 -3.17 -9.04
N LEU A 140 28.84 -2.99 -7.79
CA LEU A 140 28.59 -1.66 -7.24
C LEU A 140 29.83 -0.75 -7.33
N PRO A 141 29.64 0.46 -7.84
CA PRO A 141 30.75 1.38 -8.03
C PRO A 141 31.26 2.02 -6.73
N SER A 142 31.61 1.21 -5.73
CA SER A 142 32.17 1.79 -4.48
C SER A 142 33.55 2.43 -4.64
N HIS A 143 34.19 2.23 -5.80
CA HIS A 143 35.52 2.79 -6.01
C HIS A 143 35.45 4.28 -6.28
N ILE A 144 34.23 4.78 -6.48
CA ILE A 144 33.99 6.22 -6.66
C ILE A 144 34.50 7.04 -5.45
N CYS A 145 34.58 6.39 -4.29
CA CYS A 145 35.03 7.03 -3.07
C CYS A 145 36.48 7.52 -3.11
N HIS A 146 37.31 6.88 -3.93
CA HIS A 146 38.73 7.19 -3.98
C HIS A 146 38.95 8.65 -4.37
N ASN A 147 38.44 9.05 -5.52
CA ASN A 147 38.58 10.42 -5.95
C ASN A 147 37.44 11.40 -5.62
N SER A 148 36.27 10.93 -5.21
CA SER A 148 35.31 11.92 -4.73
C SER A 148 35.32 11.85 -3.23
N THR A 149 36.06 12.76 -2.61
CA THR A 149 36.26 12.68 -1.18
C THR A 149 35.14 13.44 -0.50
N GLN A 150 34.43 14.23 -1.30
CA GLN A 150 33.34 15.04 -0.79
C GLN A 150 31.92 14.44 -0.92
N ILE A 151 31.80 13.27 -1.53
CA ILE A 151 30.48 12.75 -1.89
C ILE A 151 29.53 12.58 -0.69
N ARG A 152 28.40 13.24 -0.74
CA ARG A 152 27.35 13.10 0.29
C ARG A 152 26.35 12.00 0.02
N VAL A 153 25.99 11.84 -1.25
CA VAL A 153 24.83 11.05 -1.65
C VAL A 153 25.09 10.06 -2.79
N VAL A 154 24.84 8.78 -2.53
CA VAL A 154 24.85 7.77 -3.56
C VAL A 154 23.48 7.11 -3.65
N LYS A 155 22.78 7.32 -4.77
CA LYS A 155 21.51 6.65 -5.04
C LYS A 155 21.64 5.69 -6.24
N LEU A 156 21.70 4.38 -5.95
CA LEU A 156 21.72 3.32 -6.98
C LEU A 156 20.44 2.47 -7.13
N ALA A 157 19.38 2.81 -6.41
CA ALA A 157 18.23 1.94 -6.25
C ALA A 157 17.52 1.62 -7.57
N VAL A 158 16.75 0.53 -7.59
CA VAL A 158 15.97 0.18 -8.77
C VAL A 158 16.87 -0.04 -9.99
N ASN A 159 17.82 -0.94 -9.82
CA ASN A 159 18.68 -1.38 -10.90
C ASN A 159 18.80 -2.89 -10.88
N TYR A 160 19.68 -3.41 -11.72
CA TYR A 160 19.92 -4.84 -11.84
C TYR A 160 21.19 -5.31 -11.15
N PHE A 161 21.76 -4.47 -10.29
CA PHE A 161 22.97 -4.84 -9.59
C PHE A 161 22.73 -6.13 -8.83
N ALA A 162 23.56 -7.12 -9.12
CA ALA A 162 23.58 -8.37 -8.37
C ALA A 162 25.02 -8.56 -7.93
N GLY A 163 25.32 -9.73 -7.37
CA GLY A 163 26.65 -9.93 -6.84
C GLY A 163 26.65 -9.54 -5.38
N ASN A 164 27.81 -9.62 -4.76
CA ASN A 164 27.93 -9.27 -3.36
C ASN A 164 27.68 -7.79 -3.13
N PHE A 165 27.14 -7.47 -1.96
CA PHE A 165 27.12 -6.08 -1.52
C PHE A 165 28.61 -5.86 -1.33
N THR A 166 29.16 -4.97 -2.15
CA THR A 166 30.60 -4.89 -2.27
C THR A 166 31.20 -3.87 -1.31
N SER A 167 32.32 -4.25 -0.74
CA SER A 167 33.03 -3.41 0.21
C SER A 167 33.51 -2.13 -0.47
N GLY A 168 33.87 -1.13 0.34
CA GLY A 168 34.47 0.09 -0.16
C GLY A 168 33.68 1.39 -0.06
N PHE A 169 32.40 1.30 0.30
CA PHE A 169 31.61 2.50 0.52
C PHE A 169 32.05 3.23 1.78
N GLY A 170 32.67 2.48 2.69
CA GLY A 170 33.19 3.01 3.94
C GLY A 170 34.27 4.06 3.78
N LYS A 171 34.83 4.18 2.57
CA LYS A 171 35.85 5.20 2.31
C LYS A 171 35.21 6.51 1.88
N CYS A 172 33.89 6.54 1.68
CA CYS A 172 33.26 7.82 1.40
C CYS A 172 32.92 8.33 2.78
N VAL A 173 33.75 9.21 3.30
CA VAL A 173 33.79 9.44 4.72
C VAL A 173 32.63 10.37 5.10
N LEU A 174 32.24 11.20 4.14
CA LEU A 174 31.18 12.17 4.35
C LEU A 174 29.81 11.71 3.84
N LEU A 175 29.71 10.44 3.42
CA LEU A 175 28.43 9.92 2.95
C LEU A 175 27.30 10.10 3.94
N GLU A 176 26.18 10.64 3.44
CA GLU A 176 24.98 10.92 4.21
C GLU A 176 23.78 10.05 3.83
N HIS A 177 23.43 10.05 2.53
CA HIS A 177 22.40 9.16 2.00
C HIS A 177 23.07 8.03 1.24
N LEU A 178 22.67 6.79 1.52
CA LEU A 178 23.07 5.68 0.66
C LEU A 178 21.85 4.81 0.35
N CYS A 179 21.44 4.80 -0.92
CA CYS A 179 20.26 4.05 -1.36
C CYS A 179 20.63 2.96 -2.38
N LEU A 180 20.61 1.72 -1.89
CA LEU A 180 20.83 0.50 -2.66
C LEU A 180 19.57 -0.38 -2.93
N GLY A 181 18.40 0.14 -2.56
CA GLY A 181 17.19 -0.65 -2.58
C GLY A 181 16.78 -1.21 -3.93
N MET A 182 16.14 -2.37 -3.91
CA MET A 182 15.59 -2.95 -5.13
C MET A 182 16.64 -3.26 -6.19
N ASN A 183 17.63 -4.04 -5.76
CA ASN A 183 18.59 -4.68 -6.63
C ASN A 183 18.59 -6.17 -6.28
N ASP A 184 19.54 -6.91 -6.82
CA ASP A 184 19.75 -8.32 -6.50
C ASP A 184 20.89 -8.69 -5.51
N LEU A 185 21.40 -7.72 -4.76
CA LEU A 185 22.55 -7.95 -3.88
C LEU A 185 22.44 -9.16 -2.92
N THR A 186 23.53 -9.92 -2.80
CA THR A 186 23.61 -11.06 -1.89
C THR A 186 24.69 -10.86 -0.82
N GLY A 187 24.84 -11.83 0.09
CA GLY A 187 25.83 -11.72 1.14
C GLY A 187 25.35 -10.86 2.30
N ASN A 188 26.22 -10.64 3.28
CA ASN A 188 25.87 -9.79 4.40
C ASN A 188 26.36 -8.38 4.12
N ILE A 189 26.04 -7.46 5.01
CA ILE A 189 26.50 -6.11 4.88
C ILE A 189 28.00 -6.10 5.12
N PRO A 190 28.77 -5.54 4.18
CA PRO A 190 30.23 -5.48 4.34
C PRO A 190 30.52 -4.68 5.61
N GLU A 191 31.47 -5.11 6.43
CA GLU A 191 31.72 -4.40 7.69
C GLU A 191 32.30 -3.00 7.44
N ASP A 192 32.78 -2.83 6.22
CA ASP A 192 33.19 -1.58 5.62
C ASP A 192 32.14 -0.47 5.90
N LEU A 193 30.88 -0.80 5.66
CA LEU A 193 29.78 0.14 5.74
C LEU A 193 29.63 0.79 7.11
N PHE A 194 30.01 0.06 8.16
CA PHE A 194 29.89 0.55 9.53
C PHE A 194 30.89 1.66 9.91
N HIS A 195 31.79 1.99 8.98
CA HIS A 195 32.64 3.17 9.16
C HIS A 195 31.93 4.49 8.84
N LEU A 196 30.72 4.47 8.31
CA LEU A 196 30.21 5.75 7.86
C LEU A 196 29.44 6.35 9.00
N LYS A 197 30.09 7.24 9.74
CA LYS A 197 29.51 7.74 10.97
C LYS A 197 28.63 8.97 10.73
N ARG A 198 28.64 9.47 9.50
CA ARG A 198 27.77 10.58 9.15
C ARG A 198 26.51 10.18 8.36
N LEU A 199 26.37 8.89 8.04
CA LEU A 199 25.22 8.42 7.26
C LEU A 199 23.91 8.62 8.05
N ASN A 200 22.96 9.37 7.49
CA ASN A 200 21.63 9.45 8.12
C ASN A 200 20.52 8.62 7.45
N LEU A 201 20.82 8.05 6.29
CA LEU A 201 19.85 7.25 5.54
C LEU A 201 20.54 6.03 4.95
N LEU A 202 20.11 4.83 5.33
CA LEU A 202 20.57 3.63 4.67
C LEU A 202 19.36 2.87 4.15
N GLY A 203 19.09 2.91 2.85
CA GLY A 203 18.18 1.91 2.33
C GLY A 203 18.94 0.76 1.71
N ILE A 204 18.72 -0.44 2.23
CA ILE A 204 19.12 -1.69 1.58
C ILE A 204 17.95 -2.58 1.16
N GLN A 205 16.72 -2.06 1.34
CA GLN A 205 15.51 -2.87 1.22
C GLN A 205 15.33 -3.53 -0.13
N GLU A 206 14.62 -4.65 -0.13
CA GLU A 206 14.29 -5.36 -1.35
C GLU A 206 15.51 -5.81 -2.14
N ASN A 207 16.41 -6.51 -1.45
CA ASN A 207 17.53 -7.21 -2.07
C ASN A 207 17.49 -8.65 -1.54
N ARG A 208 18.52 -9.43 -1.85
CA ARG A 208 18.70 -10.78 -1.31
C ARG A 208 19.66 -10.91 -0.12
N LEU A 209 20.00 -9.80 0.52
CA LEU A 209 20.92 -9.79 1.66
C LEU A 209 20.53 -10.72 2.81
N SER A 210 21.53 -11.27 3.49
CA SER A 210 21.27 -12.24 4.53
C SER A 210 22.41 -12.25 5.53
N GLY A 211 22.28 -13.11 6.54
CA GLY A 211 23.18 -13.10 7.68
C GLY A 211 22.55 -12.33 8.82
N SER A 212 23.29 -12.16 9.91
CA SER A 212 22.79 -11.31 10.99
C SER A 212 23.06 -9.85 10.68
N LEU A 213 22.27 -8.99 11.28
CA LEU A 213 22.42 -7.56 11.12
C LEU A 213 23.43 -7.20 12.20
N SER A 214 24.63 -6.80 11.79
CA SER A 214 25.77 -6.75 12.70
C SER A 214 25.61 -5.81 13.87
N ARG A 215 26.24 -6.14 14.99
CA ARG A 215 26.23 -5.28 16.15
C ARG A 215 27.06 -4.03 15.90
N GLU A 216 27.90 -4.09 14.87
CA GLU A 216 28.75 -2.95 14.53
C GLU A 216 27.93 -1.75 14.05
N ILE A 217 26.65 -2.02 13.79
CA ILE A 217 25.73 -0.98 13.36
C ILE A 217 25.56 0.13 14.41
N ARG A 218 25.95 -0.14 15.65
CA ARG A 218 25.94 0.87 16.69
C ARG A 218 26.92 1.98 16.35
N ASN A 219 27.76 1.72 15.36
CA ASN A 219 28.73 2.72 15.01
C ASN A 219 28.17 3.77 14.07
N LEU A 220 26.96 3.54 13.56
CA LEU A 220 26.45 4.56 12.68
C LEU A 220 25.50 5.40 13.47
N SER A 221 26.02 6.45 14.08
CA SER A 221 25.30 7.10 15.15
C SER A 221 24.47 8.25 14.61
N SER A 222 24.61 8.52 13.31
CA SER A 222 23.88 9.59 12.66
C SER A 222 22.59 9.12 12.00
N LEU A 223 22.34 7.81 12.01
CA LEU A 223 21.17 7.25 11.32
C LEU A 223 19.85 7.83 11.79
N VAL A 224 19.04 8.23 10.81
CA VAL A 224 17.68 8.68 11.01
C VAL A 224 16.69 7.62 10.52
N ARG A 225 16.87 7.26 9.25
CA ARG A 225 16.10 6.24 8.57
C ARG A 225 16.94 5.00 8.24
N LEU A 226 16.53 3.85 8.77
CA LEU A 226 17.12 2.55 8.46
C LEU A 226 16.11 1.62 7.78
N ASP A 227 16.29 1.38 6.48
CA ASP A 227 15.40 0.46 5.79
C ASP A 227 16.15 -0.79 5.34
N VAL A 228 15.89 -1.85 6.10
CA VAL A 228 16.38 -3.20 5.92
C VAL A 228 15.32 -4.19 5.33
N SER A 229 14.11 -3.68 5.04
CA SER A 229 12.95 -4.51 4.64
C SER A 229 13.22 -5.43 3.48
N TRP A 230 12.51 -6.55 3.46
CA TRP A 230 12.49 -7.47 2.31
C TRP A 230 13.85 -7.99 1.93
N ASN A 231 14.58 -8.49 2.91
CA ASN A 231 15.78 -9.25 2.65
C ASN A 231 15.65 -10.62 3.35
N LEU A 232 16.74 -11.36 3.38
CA LEU A 232 16.86 -12.65 4.08
C LEU A 232 17.53 -12.62 5.45
N PHE A 233 17.64 -11.45 6.10
CA PHE A 233 18.28 -11.38 7.42
C PHE A 233 17.64 -12.28 8.47
N SER A 234 18.46 -12.71 9.42
CA SER A 234 18.00 -13.59 10.50
C SER A 234 18.78 -13.24 11.75
N GLY A 235 18.70 -14.07 12.77
CA GLY A 235 19.35 -13.78 14.03
C GLY A 235 18.53 -12.79 14.83
N GLU A 236 19.02 -12.47 16.02
CA GLU A 236 18.38 -11.46 16.83
C GLU A 236 18.66 -10.10 16.23
N ILE A 237 17.73 -9.18 16.40
CA ILE A 237 17.99 -7.79 16.12
C ILE A 237 18.97 -7.31 17.20
N PRO A 238 20.14 -6.79 16.77
CA PRO A 238 21.22 -6.42 17.69
C PRO A 238 20.77 -5.35 18.69
N ASP A 239 21.15 -5.46 19.96
CA ASP A 239 20.57 -4.52 20.90
C ASP A 239 21.61 -3.42 21.08
N VAL A 240 21.62 -2.53 20.07
CA VAL A 240 22.52 -1.38 19.98
C VAL A 240 21.89 0.01 20.00
N PHE A 241 20.57 0.06 20.12
CA PHE A 241 19.85 1.26 19.73
C PHE A 241 20.03 2.52 20.58
N ASP A 242 20.67 2.38 21.73
CA ASP A 242 21.04 3.58 22.50
C ASP A 242 22.20 4.31 21.79
N GLU A 243 22.88 3.60 20.90
CA GLU A 243 23.93 4.21 20.11
C GLU A 243 23.40 4.94 18.89
N LEU A 244 22.11 4.78 18.60
CA LEU A 244 21.53 5.43 17.42
C LEU A 244 20.42 6.36 17.87
N PRO A 245 20.78 7.43 18.60
CA PRO A 245 19.84 8.36 19.26
C PRO A 245 19.00 9.17 18.29
N GLN A 246 19.40 9.20 17.04
CA GLN A 246 18.68 9.99 16.06
C GLN A 246 17.72 9.14 15.25
N LEU A 247 17.67 7.83 15.51
CA LEU A 247 16.82 6.94 14.73
C LEU A 247 15.33 7.24 14.88
N LYS A 248 14.68 7.49 13.75
CA LYS A 248 13.26 7.84 13.68
C LYS A 248 12.47 6.72 13.02
N PHE A 249 12.92 6.30 11.85
CA PHE A 249 12.31 5.19 11.13
C PHE A 249 13.17 3.93 11.10
N PHE A 250 12.62 2.85 11.64
CA PHE A 250 13.23 1.53 11.51
C PHE A 250 12.29 0.58 10.76
N LEU A 251 12.70 0.17 9.56
CA LEU A 251 11.93 -0.74 8.75
C LEU A 251 12.67 -2.06 8.54
N GLY A 252 12.19 -3.11 9.21
CA GLY A 252 12.72 -4.46 9.09
C GLY A 252 11.79 -5.53 8.52
N GLN A 253 10.60 -5.14 8.08
CA GLN A 253 9.56 -6.09 7.71
C GLN A 253 9.98 -7.10 6.64
N THR A 254 9.43 -8.30 6.72
CA THR A 254 9.74 -9.39 5.79
C THR A 254 11.23 -9.75 5.81
N ASN A 255 11.66 -10.24 6.97
CA ASN A 255 12.95 -10.87 7.15
C ASN A 255 12.76 -12.08 8.06
N GLY A 256 13.85 -12.72 8.49
CA GLY A 256 13.80 -13.83 9.43
C GLY A 256 14.23 -13.51 10.87
N PHE A 257 14.10 -12.25 11.28
CA PHE A 257 14.49 -11.84 12.62
C PHE A 257 13.83 -12.66 13.72
N ILE A 258 14.62 -13.06 14.71
CA ILE A 258 14.09 -13.81 15.83
C ILE A 258 14.30 -13.06 17.15
N GLY A 259 13.75 -13.60 18.23
CA GLY A 259 13.84 -12.94 19.52
C GLY A 259 12.73 -11.92 19.63
N GLY A 260 12.76 -11.11 20.67
CA GLY A 260 11.76 -10.06 20.81
C GLY A 260 12.28 -8.71 20.33
N ILE A 261 11.63 -7.67 20.80
CA ILE A 261 12.16 -6.35 20.60
C ILE A 261 13.25 -6.10 21.64
N PRO A 262 14.44 -5.72 21.17
CA PRO A 262 15.58 -5.44 22.05
C PRO A 262 15.24 -4.32 22.99
N LYS A 263 15.76 -4.40 24.22
CA LYS A 263 15.49 -3.40 25.24
C LYS A 263 15.83 -1.98 24.77
N SER A 264 16.97 -1.83 24.08
CA SER A 264 17.38 -0.50 23.63
C SER A 264 16.40 0.10 22.63
N LEU A 265 15.85 -0.72 21.74
CA LEU A 265 14.84 -0.26 20.79
C LEU A 265 13.57 0.05 21.55
N ALA A 266 13.24 -0.80 22.53
CA ALA A 266 12.03 -0.59 23.34
C ALA A 266 12.16 0.64 24.25
N ASN A 267 13.39 1.11 24.42
CA ASN A 267 13.65 2.37 25.11
C ASN A 267 13.97 3.62 24.29
N SER A 268 13.91 3.54 22.97
CA SER A 268 14.35 4.68 22.16
C SER A 268 13.35 5.83 22.14
N PRO A 269 13.76 7.01 22.61
CA PRO A 269 12.86 8.17 22.63
C PRO A 269 12.63 8.77 21.24
N SER A 270 13.50 8.45 20.28
CA SER A 270 13.38 9.05 18.97
C SER A 270 12.54 8.33 17.92
N LEU A 271 12.30 7.04 18.07
CA LEU A 271 11.56 6.28 17.03
C LEU A 271 10.18 6.87 16.78
N ASN A 272 9.89 7.23 15.53
CA ASN A 272 8.51 7.54 15.12
C ASN A 272 7.79 6.27 14.73
N LEU A 273 8.50 5.43 13.98
CA LEU A 273 7.90 4.32 13.27
C LEU A 273 8.75 3.06 13.45
N LEU A 274 8.07 1.97 13.80
CA LEU A 274 8.73 0.67 13.88
C LEU A 274 7.95 -0.34 13.05
N ASN A 275 8.52 -0.82 11.97
CA ASN A 275 7.84 -1.88 11.24
C ASN A 275 8.73 -3.11 11.17
N LEU A 276 8.38 -4.08 12.00
CA LEU A 276 8.95 -5.43 12.04
C LEU A 276 8.04 -6.56 11.51
N ARG A 277 6.94 -6.20 10.84
CA ARG A 277 5.96 -7.20 10.44
C ARG A 277 6.56 -8.32 9.56
N ASN A 278 5.94 -9.50 9.64
CA ASN A 278 6.32 -10.68 8.88
C ASN A 278 7.76 -11.09 9.16
N ASN A 279 8.07 -11.15 10.44
CA ASN A 279 9.32 -11.74 10.86
C ASN A 279 9.05 -13.01 11.67
N SER A 280 10.11 -13.57 12.21
CA SER A 280 10.07 -14.74 13.07
C SER A 280 10.09 -14.36 14.59
N LEU A 281 9.76 -13.10 14.91
CA LEU A 281 9.83 -12.60 16.29
C LEU A 281 8.88 -13.31 17.27
N SER A 282 9.27 -13.37 18.53
CA SER A 282 8.48 -14.11 19.51
C SER A 282 8.66 -13.64 20.94
N GLY A 283 7.95 -14.29 21.85
CA GLY A 283 8.05 -13.97 23.26
C GLY A 283 7.08 -12.89 23.64
N ARG A 284 7.19 -12.43 24.88
CA ARG A 284 6.38 -11.35 25.36
C ARG A 284 6.76 -10.09 24.56
N LEU A 285 5.77 -9.22 24.34
CA LEU A 285 6.03 -7.95 23.69
C LEU A 285 6.19 -6.86 24.75
N MET A 286 7.41 -6.34 24.88
CA MET A 286 7.72 -5.34 25.91
C MET A 286 8.31 -4.04 25.35
N LEU A 287 7.59 -2.95 25.53
CA LEU A 287 8.06 -1.63 25.17
C LEU A 287 8.00 -0.79 26.43
N ASN A 288 8.93 0.15 26.57
CA ASN A 288 8.83 1.09 27.67
C ASN A 288 8.25 2.34 27.07
N CYS A 289 6.98 2.56 27.31
CA CYS A 289 6.26 3.62 26.61
C CYS A 289 6.46 4.99 27.26
N THR A 290 6.96 4.98 28.48
CA THR A 290 7.38 6.20 29.16
C THR A 290 8.64 6.67 28.45
N ALA A 291 9.43 5.72 27.97
CA ALA A 291 10.66 5.98 27.23
C ALA A 291 10.43 6.31 25.74
N MET A 292 9.40 5.77 25.12
CA MET A 292 9.29 6.06 23.71
C MET A 292 8.28 7.17 23.51
N ILE A 293 8.77 8.40 23.47
CA ILE A 293 7.84 9.51 23.48
C ILE A 293 7.56 10.00 22.09
N ALA A 294 8.34 9.55 21.11
CA ALA A 294 8.07 9.89 19.71
C ALA A 294 7.29 8.81 18.92
N LEU A 295 6.98 7.67 19.53
CA LEU A 295 6.49 6.57 18.73
C LEU A 295 5.04 6.86 18.33
N ASN A 296 4.80 7.02 17.02
CA ASN A 296 3.44 7.20 16.54
C ASN A 296 2.83 6.04 15.74
N SER A 297 3.67 5.10 15.33
CA SER A 297 3.21 4.04 14.45
C SER A 297 3.99 2.77 14.73
N LEU A 298 3.26 1.67 14.94
CA LEU A 298 3.86 0.39 15.32
C LEU A 298 3.22 -0.77 14.54
N ASP A 299 4.03 -1.47 13.74
CA ASP A 299 3.56 -2.64 13.02
C ASP A 299 4.37 -3.89 13.38
N LEU A 300 3.77 -4.76 14.17
CA LEU A 300 4.31 -6.07 14.52
C LEU A 300 3.64 -7.31 13.88
N GLY A 301 2.77 -7.08 12.91
CA GLY A 301 2.00 -8.15 12.31
C GLY A 301 2.78 -9.35 11.79
N THR A 302 2.11 -10.50 11.75
CA THR A 302 2.69 -11.76 11.28
C THR A 302 3.96 -12.11 12.02
N ASN A 303 3.88 -12.08 13.34
CA ASN A 303 4.91 -12.63 14.22
C ASN A 303 4.32 -13.56 15.26
N ARG A 304 5.20 -14.08 16.10
CA ARG A 304 4.85 -14.97 17.22
C ARG A 304 4.83 -14.41 18.66
N PHE A 305 4.77 -13.10 18.81
CA PHE A 305 4.62 -12.53 20.15
C PHE A 305 3.48 -13.23 20.91
N ASN A 306 3.74 -13.57 22.17
CA ASN A 306 2.80 -14.31 22.99
C ASN A 306 2.57 -13.59 24.31
N GLY A 307 1.77 -14.20 25.17
CA GLY A 307 1.42 -13.61 26.44
C GLY A 307 0.27 -12.67 26.22
N ARG A 308 -0.05 -11.86 27.22
CA ARG A 308 -1.12 -10.86 27.11
C ARG A 308 -0.70 -9.65 26.26
N LEU A 309 -1.67 -8.90 25.75
CA LEU A 309 -1.37 -7.61 25.14
C LEU A 309 -0.74 -6.71 26.20
N PRO A 310 0.38 -6.08 25.88
CA PRO A 310 1.06 -5.30 26.92
C PRO A 310 0.19 -4.17 27.45
N GLU A 311 0.06 -4.14 28.78
CA GLU A 311 -0.87 -3.24 29.44
C GLU A 311 -0.40 -1.79 29.33
N ASN A 312 0.89 -1.60 29.13
CA ASN A 312 1.44 -0.25 29.09
C ASN A 312 1.32 0.47 27.75
N LEU A 313 0.88 -0.22 26.71
CA LEU A 313 0.73 0.39 25.38
C LEU A 313 0.08 1.79 25.35
N PRO A 314 -1.00 2.02 26.11
CA PRO A 314 -1.56 3.39 26.09
C PRO A 314 -0.61 4.45 26.65
N ASP A 315 0.47 4.03 27.29
CA ASP A 315 1.44 5.00 27.81
C ASP A 315 2.35 5.54 26.71
N CYS A 316 2.16 5.10 25.46
CA CYS A 316 2.83 5.77 24.36
C CYS A 316 1.84 6.80 23.90
N LYS A 317 2.09 8.04 24.27
CA LYS A 317 1.06 9.05 24.18
C LYS A 317 0.84 9.50 22.75
N ARG A 318 1.80 9.19 21.89
CA ARG A 318 1.72 9.54 20.48
C ARG A 318 1.34 8.39 19.54
N LEU A 319 1.06 7.21 20.07
CA LEU A 319 0.90 6.06 19.19
C LEU A 319 -0.50 6.10 18.60
N LYS A 320 -0.54 6.42 17.31
CA LYS A 320 -1.74 6.55 16.50
C LYS A 320 -2.15 5.25 15.83
N ASN A 321 -1.13 4.54 15.33
CA ASN A 321 -1.34 3.42 14.43
C ASN A 321 -0.72 2.16 14.99
N VAL A 322 -1.57 1.16 15.24
CA VAL A 322 -1.12 -0.09 15.86
C VAL A 322 -1.60 -1.27 15.03
N ASN A 323 -0.68 -2.03 14.48
CA ASN A 323 -1.04 -3.29 13.86
C ASN A 323 -0.32 -4.43 14.55
N LEU A 324 -1.11 -5.18 15.33
CA LEU A 324 -0.69 -6.40 16.04
C LEU A 324 -1.19 -7.70 15.42
N ALA A 325 -1.76 -7.64 14.23
CA ALA A 325 -2.48 -8.78 13.69
C ALA A 325 -1.59 -10.00 13.46
N ARG A 326 -2.26 -11.14 13.42
CA ARG A 326 -1.62 -12.41 13.21
C ARG A 326 -0.47 -12.69 14.18
N ASN A 327 -0.78 -12.57 15.46
CA ASN A 327 0.16 -12.95 16.49
C ASN A 327 -0.41 -14.02 17.38
N THR A 328 0.41 -14.43 18.35
CA THR A 328 0.05 -15.46 19.34
C THR A 328 -0.44 -15.04 20.72
N PHE A 329 -1.00 -13.84 20.85
CA PHE A 329 -1.42 -13.40 22.18
C PHE A 329 -2.56 -14.26 22.75
N HIS A 330 -2.98 -13.95 23.97
CA HIS A 330 -4.12 -14.62 24.58
C HIS A 330 -4.69 -13.70 25.65
N GLY A 331 -5.91 -13.99 26.09
CA GLY A 331 -6.54 -13.20 27.13
C GLY A 331 -7.31 -12.01 26.57
N GLN A 332 -7.62 -11.06 27.41
CA GLN A 332 -8.45 -9.95 26.97
C GLN A 332 -7.67 -8.68 26.60
N VAL A 333 -8.39 -7.69 26.10
CA VAL A 333 -7.82 -6.38 25.92
C VAL A 333 -7.75 -5.75 27.30
N PRO A 334 -6.56 -5.34 27.67
CA PRO A 334 -6.36 -4.65 28.91
C PRO A 334 -7.23 -3.45 29.09
N GLU A 335 -7.43 -3.25 30.33
CA GLU A 335 -8.38 -2.37 30.86
C GLU A 335 -7.88 -0.89 30.73
N SER A 336 -6.60 -0.72 30.80
CA SER A 336 -5.91 0.47 30.43
C SER A 336 -6.10 0.98 29.02
N PHE A 337 -6.47 0.14 28.11
CA PHE A 337 -6.72 0.64 26.75
C PHE A 337 -7.83 1.70 26.69
N LYS A 338 -8.57 1.88 27.79
CA LYS A 338 -9.56 2.95 27.91
C LYS A 338 -8.93 4.34 27.74
N ASN A 339 -7.64 4.42 28.06
CA ASN A 339 -6.86 5.65 28.03
C ASN A 339 -6.04 5.90 26.76
N PHE A 340 -6.24 5.08 25.73
CA PHE A 340 -5.37 5.18 24.58
C PHE A 340 -5.98 6.28 23.77
N GLU A 341 -5.49 7.49 24.01
CA GLU A 341 -6.12 8.69 23.53
C GLU A 341 -5.68 8.95 22.11
N SER A 342 -4.50 8.44 21.79
CA SER A 342 -3.89 8.70 20.50
C SER A 342 -4.30 7.69 19.45
N LEU A 343 -4.86 6.57 19.90
CA LEU A 343 -5.18 5.46 19.01
C LEU A 343 -6.20 5.83 17.94
N SER A 344 -5.83 5.63 16.69
CA SER A 344 -6.68 5.89 15.54
C SER A 344 -7.03 4.58 14.85
N TYR A 345 -6.00 3.87 14.42
CA TYR A 345 -6.18 2.63 13.67
C TYR A 345 -5.66 1.44 14.46
N PHE A 346 -6.55 0.49 14.71
CA PHE A 346 -6.21 -0.64 15.55
C PHE A 346 -6.54 -1.94 14.84
N SER A 347 -5.52 -2.69 14.50
CA SER A 347 -5.71 -3.92 13.76
C SER A 347 -5.25 -5.06 14.65
N LEU A 348 -6.25 -5.79 15.15
CA LEU A 348 -6.06 -7.00 15.92
C LEU A 348 -6.35 -8.37 15.31
N SER A 349 -6.57 -8.43 14.00
CA SER A 349 -6.98 -9.67 13.33
C SER A 349 -6.20 -10.89 13.75
N ASN A 350 -6.89 -12.01 13.94
CA ASN A 350 -6.26 -13.33 14.00
C ASN A 350 -5.23 -13.44 15.14
N SER A 351 -5.52 -12.75 16.24
CA SER A 351 -4.62 -12.73 17.40
C SER A 351 -4.94 -13.56 18.65
N SER A 352 -6.02 -14.34 18.59
CA SER A 352 -6.51 -15.17 19.70
C SER A 352 -7.04 -14.36 20.89
N LEU A 353 -7.74 -13.26 20.61
CA LEU A 353 -8.28 -12.45 21.70
C LEU A 353 -9.60 -12.98 22.26
N ALA A 354 -9.80 -12.77 23.55
CA ALA A 354 -10.97 -13.28 24.25
C ALA A 354 -11.83 -12.14 24.73
N ASN A 355 -13.10 -12.47 24.98
CA ASN A 355 -14.05 -11.55 25.59
C ASN A 355 -14.26 -10.31 24.75
N ILE A 356 -14.93 -10.48 23.62
CA ILE A 356 -15.27 -9.35 22.75
C ILE A 356 -16.11 -8.33 23.50
N SER A 357 -16.86 -8.81 24.50
CA SER A 357 -17.67 -7.95 25.35
C SER A 357 -16.81 -6.91 26.06
N SER A 358 -15.74 -7.37 26.69
CA SER A 358 -14.82 -6.48 27.37
C SER A 358 -14.11 -5.62 26.35
N ALA A 359 -13.62 -6.25 25.29
CA ALA A 359 -12.93 -5.56 24.20
C ALA A 359 -13.72 -4.35 23.72
N LEU A 360 -15.00 -4.54 23.41
CA LEU A 360 -15.77 -3.42 22.87
C LEU A 360 -16.09 -2.37 23.93
N GLY A 361 -16.32 -2.80 25.16
CA GLY A 361 -16.62 -1.88 26.25
C GLY A 361 -15.41 -1.05 26.63
N ILE A 362 -14.23 -1.64 26.54
CA ILE A 362 -13.02 -0.85 26.74
C ILE A 362 -12.76 0.10 25.56
N LEU A 363 -12.72 -0.46 24.36
CA LEU A 363 -12.29 0.28 23.16
C LEU A 363 -13.19 1.44 22.76
N GLN A 364 -14.43 1.44 23.23
CA GLN A 364 -15.37 2.53 22.97
C GLN A 364 -14.89 3.83 23.62
N HIS A 365 -13.99 3.71 24.59
CA HIS A 365 -13.47 4.88 25.29
C HIS A 365 -12.30 5.55 24.58
N CYS A 366 -11.84 4.96 23.48
CA CYS A 366 -10.75 5.56 22.73
C CYS A 366 -11.38 6.47 21.70
N LYS A 367 -11.34 7.76 21.96
CA LYS A 367 -12.21 8.69 21.26
C LYS A 367 -11.71 9.00 19.87
N ASN A 368 -10.46 8.66 19.58
CA ASN A 368 -9.89 8.87 18.24
C ASN A 368 -9.99 7.64 17.33
N LEU A 369 -10.51 6.54 17.85
CA LEU A 369 -10.62 5.32 17.08
C LEU A 369 -11.52 5.49 15.85
N THR A 370 -10.96 5.20 14.67
CA THR A 370 -11.64 5.37 13.38
C THR A 370 -11.80 4.06 12.65
N THR A 371 -10.72 3.30 12.58
CA THR A 371 -10.72 2.00 11.94
C THR A 371 -10.31 0.92 12.94
N LEU A 372 -11.11 -0.15 13.02
CA LEU A 372 -10.88 -1.24 13.97
C LEU A 372 -11.10 -2.60 13.30
N VAL A 373 -10.06 -3.42 13.26
CA VAL A 373 -10.16 -4.74 12.66
C VAL A 373 -9.96 -5.81 13.70
N LEU A 374 -11.06 -6.48 14.05
CA LEU A 374 -11.12 -7.59 15.01
C LEU A 374 -11.28 -9.03 14.47
N THR A 375 -11.22 -9.18 13.15
CA THR A 375 -11.42 -10.46 12.46
C THR A 375 -10.60 -11.64 13.01
N LEU A 376 -11.22 -12.82 13.06
CA LEU A 376 -10.58 -14.02 13.62
C LEU A 376 -10.13 -13.93 15.09
N ASN A 377 -10.95 -13.28 15.91
CA ASN A 377 -10.83 -13.41 17.37
C ASN A 377 -12.18 -13.82 18.02
N PHE A 378 -12.16 -14.01 19.34
CA PHE A 378 -13.40 -14.21 20.10
C PHE A 378 -14.23 -15.37 19.55
N HIS A 379 -13.58 -16.48 19.21
CA HIS A 379 -14.25 -17.51 18.44
C HIS A 379 -15.45 -18.09 19.18
N GLY A 380 -16.62 -18.00 18.55
CA GLY A 380 -17.84 -18.56 19.10
C GLY A 380 -18.51 -17.71 20.18
N GLU A 381 -17.96 -16.53 20.45
CA GLU A 381 -18.54 -15.70 21.49
C GLU A 381 -19.86 -15.10 21.04
N ALA A 382 -20.49 -14.36 21.94
CA ALA A 382 -21.73 -13.69 21.62
C ALA A 382 -21.44 -12.21 21.39
N LEU A 383 -21.78 -11.72 20.20
CA LEU A 383 -21.69 -10.31 19.90
C LEU A 383 -22.52 -9.48 20.88
N PRO A 384 -21.85 -8.57 21.63
CA PRO A 384 -22.51 -7.72 22.62
C PRO A 384 -23.65 -6.93 22.01
N ASP A 385 -24.84 -6.97 22.60
CA ASP A 385 -25.95 -6.16 22.13
C ASP A 385 -26.08 -4.90 22.98
N ASP A 386 -25.23 -4.81 23.98
CA ASP A 386 -25.43 -3.88 25.09
C ASP A 386 -25.34 -2.46 24.55
N SER A 387 -26.41 -1.71 24.71
CA SER A 387 -26.61 -0.52 23.89
C SER A 387 -26.11 0.80 24.48
N SER A 388 -25.39 0.69 25.60
CA SER A 388 -24.62 1.84 26.06
C SER A 388 -23.30 2.00 25.28
N LEU A 389 -22.87 0.94 24.58
CA LEU A 389 -21.71 1.00 23.69
C LEU A 389 -21.86 2.12 22.67
N HIS A 390 -20.87 3.01 22.61
CA HIS A 390 -20.87 4.08 21.62
C HIS A 390 -19.49 4.35 21.03
N PHE A 391 -19.34 4.14 19.72
CA PHE A 391 -18.09 4.49 19.04
C PHE A 391 -18.42 5.64 18.09
N GLU A 392 -18.05 6.85 18.49
CA GLU A 392 -18.56 8.03 17.81
C GLU A 392 -17.88 8.35 16.47
N LYS A 393 -16.55 8.22 16.43
CA LYS A 393 -15.80 8.59 15.22
C LYS A 393 -15.50 7.39 14.31
N LEU A 394 -16.00 6.22 14.69
CA LEU A 394 -15.77 4.99 13.95
C LEU A 394 -16.13 5.08 12.47
N LYS A 395 -15.18 4.70 11.62
CA LYS A 395 -15.29 4.75 10.17
C LYS A 395 -15.35 3.36 9.55
N VAL A 396 -14.36 2.53 9.91
CA VAL A 396 -14.21 1.18 9.40
C VAL A 396 -14.31 0.17 10.54
N LEU A 397 -15.28 -0.73 10.46
CA LEU A 397 -15.44 -1.80 11.45
C LEU A 397 -15.48 -3.17 10.80
N VAL A 398 -14.46 -3.97 11.09
CA VAL A 398 -14.36 -5.29 10.52
C VAL A 398 -14.24 -6.23 11.69
N VAL A 399 -15.29 -7.02 11.93
CA VAL A 399 -15.16 -8.17 12.82
C VAL A 399 -15.75 -9.35 12.09
N ALA A 400 -14.91 -10.22 11.58
CA ALA A 400 -15.40 -11.20 10.61
C ALA A 400 -14.80 -12.55 10.90
N ASN A 401 -15.55 -13.59 10.56
CA ASN A 401 -15.07 -14.95 10.73
C ASN A 401 -14.68 -15.21 12.18
N CYS A 402 -15.47 -14.64 13.07
CA CYS A 402 -15.36 -14.88 14.51
C CYS A 402 -16.39 -15.90 14.99
N ARG A 403 -17.23 -16.38 14.07
CA ARG A 403 -18.37 -17.24 14.40
C ARG A 403 -19.17 -16.70 15.58
N LEU A 404 -19.41 -15.39 15.59
CA LEU A 404 -20.15 -14.73 16.67
C LEU A 404 -21.66 -14.96 16.61
N THR A 405 -22.32 -14.87 17.75
CA THR A 405 -23.74 -15.16 17.82
C THR A 405 -24.44 -13.92 18.30
N GLY A 406 -25.78 -13.92 18.17
CA GLY A 406 -26.59 -12.77 18.48
C GLY A 406 -27.17 -12.11 17.25
N SER A 407 -27.72 -10.91 17.45
CA SER A 407 -28.32 -10.18 16.35
C SER A 407 -27.46 -9.02 15.87
N MET A 408 -27.94 -8.28 14.87
CA MET A 408 -27.30 -7.04 14.45
C MET A 408 -27.37 -6.05 15.59
N PRO A 409 -26.22 -5.66 16.14
CA PRO A 409 -26.17 -4.80 17.33
C PRO A 409 -26.63 -3.37 17.04
N ARG A 410 -27.59 -2.85 17.81
CA ARG A 410 -28.14 -1.53 17.49
C ARG A 410 -27.28 -0.39 18.01
N TRP A 411 -26.37 -0.68 18.94
CA TRP A 411 -25.45 0.33 19.43
C TRP A 411 -24.57 0.89 18.30
N LEU A 412 -24.44 0.11 17.24
CA LEU A 412 -23.68 0.50 16.06
C LEU A 412 -24.32 1.65 15.30
N SER A 413 -25.65 1.73 15.38
CA SER A 413 -26.42 2.71 14.61
C SER A 413 -26.01 4.14 14.93
N SER A 414 -25.36 4.31 16.07
CA SER A 414 -24.95 5.64 16.53
C SER A 414 -23.56 6.05 16.03
N SER A 415 -22.92 5.19 15.23
CA SER A 415 -21.69 5.62 14.60
C SER A 415 -22.11 6.16 13.25
N ASN A 416 -22.18 7.48 13.15
CA ASN A 416 -22.72 8.09 11.95
C ASN A 416 -21.70 8.14 10.82
N GLU A 417 -20.42 8.13 11.20
CA GLU A 417 -19.32 8.24 10.24
C GLU A 417 -19.09 6.96 9.43
N LEU A 418 -19.80 5.89 9.79
CA LEU A 418 -19.43 4.55 9.35
C LEU A 418 -19.42 4.40 7.82
N GLN A 419 -18.34 3.83 7.32
CA GLN A 419 -18.04 3.78 5.89
C GLN A 419 -18.05 2.35 5.36
N LEU A 420 -17.25 1.51 5.99
CA LEU A 420 -17.19 0.10 5.67
C LEU A 420 -17.51 -0.74 6.92
N LEU A 421 -18.47 -1.66 6.78
CA LEU A 421 -18.84 -2.60 7.82
C LEU A 421 -18.75 -4.05 7.32
N ASP A 422 -17.95 -4.88 7.98
CA ASP A 422 -17.88 -6.29 7.63
C ASP A 422 -18.12 -7.09 8.90
N LEU A 423 -19.29 -7.72 8.95
CA LEU A 423 -19.71 -8.70 9.98
C LEU A 423 -19.75 -10.15 9.50
N SER A 424 -19.27 -10.38 8.28
CA SER A 424 -19.46 -11.66 7.60
C SER A 424 -18.80 -12.86 8.26
N TRP A 425 -19.30 -14.04 7.92
CA TRP A 425 -18.77 -15.31 8.44
C TRP A 425 -18.91 -15.42 9.93
N ASN A 426 -19.99 -14.84 10.46
CA ASN A 426 -20.40 -15.12 11.81
C ASN A 426 -21.64 -16.02 11.86
N ARG A 427 -22.12 -16.24 13.08
CA ARG A 427 -23.37 -16.98 13.34
C ARG A 427 -24.56 -16.07 13.63
N LEU A 428 -24.47 -14.80 13.26
CA LEU A 428 -25.53 -13.84 13.57
C LEU A 428 -26.91 -14.27 13.05
N THR A 429 -27.96 -13.90 13.79
CA THR A 429 -29.32 -14.32 13.46
C THR A 429 -30.32 -13.18 13.57
N GLY A 430 -31.56 -13.47 13.21
CA GLY A 430 -32.61 -12.46 13.28
C GLY A 430 -32.67 -11.67 12.00
N ALA A 431 -33.54 -10.67 11.97
CA ALA A 431 -33.67 -9.84 10.78
C ALA A 431 -32.54 -8.80 10.71
N ILE A 432 -32.29 -8.29 9.50
CA ILE A 432 -31.41 -7.15 9.35
C ILE A 432 -32.26 -5.90 9.52
N PRO A 433 -31.95 -5.11 10.57
CA PRO A 433 -32.72 -3.95 11.02
C PRO A 433 -32.68 -2.78 10.05
N SER A 434 -33.65 -1.91 10.21
CA SER A 434 -33.88 -0.81 9.27
C SER A 434 -32.77 0.24 9.33
N TRP A 435 -32.16 0.41 10.50
CA TRP A 435 -31.18 1.47 10.69
C TRP A 435 -29.87 1.27 9.90
N ILE A 436 -29.69 0.09 9.30
CA ILE A 436 -28.52 -0.19 8.49
C ILE A 436 -28.55 0.66 7.23
N GLY A 437 -29.74 1.16 6.88
CA GLY A 437 -29.91 1.99 5.71
C GLY A 437 -29.70 3.46 6.06
N ASP A 438 -29.42 3.71 7.33
CA ASP A 438 -29.30 5.09 7.81
C ASP A 438 -27.89 5.65 7.83
N PHE A 439 -26.89 4.81 7.58
CA PHE A 439 -25.52 5.31 7.55
C PHE A 439 -25.31 6.03 6.21
N LYS A 440 -25.02 7.33 6.28
CA LYS A 440 -24.92 8.17 5.08
C LYS A 440 -23.59 8.01 4.34
N ALA A 441 -22.55 7.63 5.07
CA ALA A 441 -21.25 7.46 4.47
C ALA A 441 -20.93 6.01 4.12
N LEU A 442 -21.87 5.10 4.34
CA LEU A 442 -21.58 3.68 4.15
C LEU A 442 -21.61 3.35 2.67
N PHE A 443 -20.47 2.95 2.11
CA PHE A 443 -20.39 2.45 0.74
C PHE A 443 -20.13 0.95 0.61
N TYR A 444 -19.83 0.29 1.72
CA TYR A 444 -19.48 -1.13 1.68
C TYR A 444 -20.04 -1.85 2.88
N LEU A 445 -20.83 -2.89 2.67
CA LEU A 445 -21.24 -3.72 3.79
C LEU A 445 -21.32 -5.19 3.43
N ASP A 446 -20.69 -6.03 4.25
CA ASP A 446 -20.70 -7.46 4.04
C ASP A 446 -21.30 -8.10 5.28
N LEU A 447 -22.53 -8.58 5.12
CA LEU A 447 -23.24 -9.37 6.12
C LEU A 447 -23.31 -10.86 5.74
N SER A 448 -22.61 -11.22 4.67
CA SER A 448 -22.74 -12.55 4.07
C SER A 448 -22.31 -13.67 5.01
N ASN A 449 -22.82 -14.88 4.72
CA ASN A 449 -22.45 -16.07 5.48
C ASN A 449 -22.82 -15.94 6.95
N ASN A 450 -24.06 -15.53 7.20
CA ASN A 450 -24.63 -15.55 8.53
C ASN A 450 -25.93 -16.36 8.51
N SER A 451 -26.70 -16.27 9.59
CA SER A 451 -28.05 -16.84 9.64
C SER A 451 -29.21 -15.86 9.49
N PHE A 452 -28.95 -14.67 8.96
CA PHE A 452 -29.99 -13.64 8.91
C PHE A 452 -31.25 -14.13 8.21
N THR A 453 -32.39 -13.69 8.74
CA THR A 453 -33.69 -14.08 8.21
C THR A 453 -34.55 -12.84 8.05
N GLY A 454 -35.78 -13.06 7.59
CA GLY A 454 -36.66 -11.94 7.31
C GLY A 454 -36.45 -11.48 5.89
N GLU A 455 -37.11 -10.38 5.53
CA GLU A 455 -36.92 -9.79 4.23
C GLU A 455 -35.71 -8.87 4.24
N ILE A 456 -35.35 -8.35 3.08
CA ILE A 456 -34.29 -7.35 2.99
C ILE A 456 -34.88 -6.00 3.37
N PRO A 457 -34.28 -5.31 4.36
CA PRO A 457 -34.83 -4.00 4.71
C PRO A 457 -34.81 -3.04 3.52
N LYS A 458 -35.95 -2.41 3.25
CA LYS A 458 -36.09 -1.45 2.15
C LYS A 458 -35.17 -0.22 2.25
N SER A 459 -34.68 0.07 3.45
CA SER A 459 -33.90 1.28 3.66
C SER A 459 -32.50 1.22 3.00
N LEU A 460 -32.08 0.03 2.55
CA LEU A 460 -30.87 -0.19 1.79
C LEU A 460 -30.92 0.39 0.42
N THR A 461 -32.09 0.83 0.05
CA THR A 461 -32.38 1.42 -1.19
C THR A 461 -32.22 2.92 -1.18
N LYS A 462 -32.15 3.51 -0.03
CA LYS A 462 -31.91 4.90 0.11
C LYS A 462 -30.61 5.22 0.81
N LEU A 463 -29.69 4.28 0.82
CA LEU A 463 -28.32 4.50 1.29
C LEU A 463 -27.69 5.62 0.49
N GLU A 464 -27.26 6.68 1.17
CA GLU A 464 -26.88 7.90 0.45
C GLU A 464 -25.61 7.79 -0.38
N SER A 465 -24.59 7.16 0.16
CA SER A 465 -23.33 7.00 -0.59
C SER A 465 -23.48 6.09 -1.81
N LEU A 466 -24.57 5.33 -1.86
CA LEU A 466 -24.81 4.48 -3.00
C LEU A 466 -25.80 5.06 -4.01
N THR A 467 -26.40 6.20 -3.69
CA THR A 467 -27.30 6.82 -4.66
C THR A 467 -26.69 8.04 -5.33
N SER A 468 -26.65 9.17 -4.61
CA SER A 468 -26.35 10.47 -5.20
C SER A 468 -24.88 10.65 -5.51
N ARG A 469 -24.42 11.72 -6.11
CA ARG A 469 -23.01 12.13 -5.65
C ARG A 469 -22.65 13.31 -4.51
N ASN A 470 -23.64 13.79 -3.77
CA ASN A 470 -23.72 14.83 -2.77
C ASN A 470 -23.27 14.47 -1.37
N ILE A 471 -23.06 13.19 -1.14
CA ILE A 471 -22.37 12.80 0.06
C ILE A 471 -20.86 12.79 -0.21
N SER A 472 -20.10 13.47 0.64
CA SER A 472 -18.65 13.50 0.50
C SER A 472 -18.00 13.38 1.87
N VAL A 473 -17.06 12.46 2.01
CA VAL A 473 -16.34 12.29 3.26
C VAL A 473 -14.88 11.95 3.01
N ASN A 474 -14.09 12.05 4.06
CA ASN A 474 -12.67 11.73 3.97
C ASN A 474 -12.38 10.27 4.26
N GLU A 475 -11.65 9.66 3.35
CA GLU A 475 -11.21 8.28 3.46
C GLU A 475 -10.29 8.11 4.67
N PRO A 476 -10.51 7.06 5.46
CA PRO A 476 -9.60 6.79 6.58
C PRO A 476 -8.22 6.41 6.05
N SER A 477 -7.18 6.75 6.80
CA SER A 477 -5.83 6.46 6.35
C SER A 477 -4.95 5.68 7.33
N PRO A 478 -5.35 4.45 7.68
CA PRO A 478 -4.44 3.59 8.45
C PRO A 478 -3.19 3.22 7.67
N ASP A 479 -2.16 2.80 8.38
CA ASP A 479 -0.88 2.47 7.77
C ASP A 479 -0.80 1.03 7.33
N PHE A 480 -1.89 0.28 7.43
CA PHE A 480 -1.83 -1.10 6.99
C PHE A 480 -2.78 -1.34 5.82
N PRO A 481 -2.44 -2.32 4.96
CA PRO A 481 -3.37 -2.75 3.90
C PRO A 481 -4.48 -3.60 4.49
N PHE A 482 -5.51 -3.80 3.68
CA PHE A 482 -6.58 -4.73 4.03
C PHE A 482 -6.58 -5.86 3.03
N PHE A 483 -7.00 -7.02 3.50
CA PHE A 483 -7.08 -8.19 2.64
C PHE A 483 -8.46 -8.78 2.64
N MET A 484 -8.77 -9.41 1.52
CA MET A 484 -10.12 -9.82 1.23
C MET A 484 -10.06 -11.26 0.70
N LYS A 485 -10.76 -12.16 1.38
CA LYS A 485 -10.85 -13.53 0.90
C LYS A 485 -12.27 -13.97 0.57
N ARG A 486 -12.45 -14.51 -0.63
CA ARG A 486 -13.74 -15.02 -1.11
C ARG A 486 -14.19 -16.28 -0.33
N ASN A 487 -13.36 -17.31 -0.30
CA ASN A 487 -13.61 -18.49 0.54
C ASN A 487 -12.34 -18.90 1.30
N GLU A 488 -12.38 -20.00 2.00
CA GLU A 488 -11.26 -20.37 2.79
C GLU A 488 -10.04 -20.79 1.91
N SER A 489 -10.17 -21.11 0.68
CA SER A 489 -8.98 -21.50 0.01
C SER A 489 -8.58 -20.60 -1.18
N ALA A 490 -9.25 -19.46 -1.31
CA ALA A 490 -8.95 -18.42 -2.29
C ALA A 490 -7.75 -17.56 -2.00
N ARG A 491 -6.98 -17.17 -2.98
CA ARG A 491 -5.92 -16.21 -2.74
C ARG A 491 -6.51 -14.84 -2.47
N ALA A 492 -5.96 -14.13 -1.53
CA ALA A 492 -6.50 -12.89 -1.13
C ALA A 492 -6.30 -11.72 -2.08
N LEU A 493 -7.18 -10.76 -1.98
CA LEU A 493 -7.00 -9.51 -2.71
C LEU A 493 -6.55 -8.44 -1.71
N GLN A 494 -5.71 -7.54 -2.18
CA GLN A 494 -5.12 -6.51 -1.33
C GLN A 494 -5.70 -5.14 -1.67
N TYR A 495 -5.97 -4.36 -0.65
CA TYR A 495 -6.43 -3.00 -0.85
C TYR A 495 -5.62 -2.16 0.10
N ASN A 496 -4.83 -1.24 -0.46
CA ASN A 496 -3.97 -0.38 0.33
C ASN A 496 -4.77 0.74 0.96
N GLN A 497 -5.87 1.11 0.31
CA GLN A 497 -6.74 2.16 0.83
C GLN A 497 -8.21 1.72 0.86
N ILE A 498 -8.93 2.22 1.85
CA ILE A 498 -10.35 1.95 2.05
C ILE A 498 -11.20 2.20 0.79
N PHE A 499 -10.89 3.27 0.06
CA PHE A 499 -11.67 3.63 -1.12
C PHE A 499 -11.27 2.79 -2.34
N GLY A 500 -10.34 1.87 -2.14
CA GLY A 500 -10.08 0.84 -3.14
C GLY A 500 -11.12 -0.28 -3.14
N PHE A 501 -11.93 -0.37 -2.10
CA PHE A 501 -13.01 -1.36 -2.11
C PHE A 501 -14.14 -0.88 -3.01
N PRO A 502 -14.63 -1.77 -3.88
CA PRO A 502 -15.77 -1.42 -4.72
C PRO A 502 -16.98 -1.17 -3.82
N PRO A 503 -17.79 -0.15 -4.11
CA PRO A 503 -19.00 0.00 -3.30
C PRO A 503 -19.89 -1.24 -3.45
N THR A 504 -20.22 -1.86 -2.32
CA THR A 504 -20.65 -3.24 -2.27
C THR A 504 -21.81 -3.48 -1.29
N ILE A 505 -22.85 -4.17 -1.74
CA ILE A 505 -23.79 -4.81 -0.81
C ILE A 505 -23.68 -6.31 -0.96
N GLU A 506 -23.12 -6.96 0.05
CA GLU A 506 -22.95 -8.40 0.02
C GLU A 506 -23.79 -9.04 1.11
N LEU A 507 -24.92 -9.62 0.70
CA LEU A 507 -25.84 -10.37 1.59
C LEU A 507 -25.89 -11.91 1.45
N GLY A 508 -25.05 -12.47 0.60
CA GLY A 508 -25.14 -13.87 0.26
C GLY A 508 -24.98 -14.87 1.39
N HIS A 509 -25.42 -16.10 1.14
CA HIS A 509 -25.42 -17.15 2.15
C HIS A 509 -26.06 -16.75 3.46
N ASN A 510 -27.30 -16.30 3.39
CA ASN A 510 -28.09 -16.07 4.58
C ASN A 510 -29.40 -16.83 4.42
N ASN A 511 -30.35 -16.58 5.32
CA ASN A 511 -31.70 -17.12 5.12
C ASN A 511 -32.80 -16.17 4.63
N LEU A 512 -32.40 -14.99 4.17
CA LEU A 512 -33.33 -13.92 3.74
C LEU A 512 -34.39 -14.38 2.74
N SER A 513 -35.59 -13.83 2.86
CA SER A 513 -36.73 -14.20 2.01
C SER A 513 -37.45 -12.96 1.52
N GLY A 514 -38.54 -13.15 0.79
CA GLY A 514 -39.27 -12.02 0.26
C GLY A 514 -38.67 -11.60 -1.06
N PRO A 515 -39.12 -10.44 -1.57
CA PRO A 515 -38.73 -10.05 -2.92
C PRO A 515 -37.46 -9.19 -2.97
N ILE A 516 -37.03 -8.88 -4.18
CA ILE A 516 -35.94 -7.95 -4.39
C ILE A 516 -36.61 -6.63 -4.75
N TRP A 517 -36.45 -5.63 -3.90
CA TRP A 517 -37.12 -4.35 -4.12
C TRP A 517 -36.78 -3.72 -5.45
N GLU A 518 -37.81 -3.26 -6.15
CA GLU A 518 -37.65 -2.49 -7.38
C GLU A 518 -36.77 -1.27 -7.11
N GLU A 519 -36.84 -0.79 -5.88
CA GLU A 519 -36.16 0.45 -5.50
C GLU A 519 -34.63 0.31 -5.47
N PHE A 520 -34.11 -0.90 -5.65
CA PHE A 520 -32.68 -1.07 -5.76
C PHE A 520 -32.15 -0.37 -6.99
N GLY A 521 -33.06 -0.10 -7.94
CA GLY A 521 -32.74 0.72 -9.09
C GLY A 521 -32.26 2.12 -8.72
N ASN A 522 -32.45 2.52 -7.46
CA ASN A 522 -31.96 3.80 -6.96
C ASN A 522 -30.47 3.88 -6.74
N LEU A 523 -29.80 2.75 -6.54
CA LEU A 523 -28.41 2.89 -6.13
C LEU A 523 -27.60 2.94 -7.40
N LYS A 524 -27.22 4.15 -7.79
CA LYS A 524 -26.59 4.35 -9.10
C LYS A 524 -25.12 4.05 -9.01
N LYS A 525 -24.59 4.12 -7.78
CA LYS A 525 -23.16 3.99 -7.52
C LYS A 525 -22.71 2.61 -7.01
N LEU A 526 -23.63 1.66 -6.92
CA LEU A 526 -23.28 0.35 -6.39
C LEU A 526 -22.53 -0.47 -7.44
N HIS A 527 -21.34 -0.95 -7.11
CA HIS A 527 -20.61 -1.82 -8.04
C HIS A 527 -20.97 -3.30 -7.93
N VAL A 528 -21.12 -3.77 -6.69
CA VAL A 528 -21.33 -5.18 -6.41
C VAL A 528 -22.60 -5.43 -5.61
N PHE A 529 -23.52 -6.20 -6.19
CA PHE A 529 -24.74 -6.58 -5.50
C PHE A 529 -24.80 -8.09 -5.42
N ASP A 530 -24.56 -8.64 -4.23
CA ASP A 530 -24.56 -10.10 -4.04
C ASP A 530 -25.69 -10.53 -3.09
N LEU A 531 -26.74 -11.11 -3.66
CA LEU A 531 -27.88 -11.68 -2.93
C LEU A 531 -27.89 -13.21 -2.85
N LYS A 532 -26.83 -13.86 -3.37
CA LYS A 532 -26.86 -15.31 -3.61
C LYS A 532 -27.06 -16.18 -2.35
N TRP A 533 -27.52 -17.42 -2.54
CA TRP A 533 -27.78 -18.36 -1.44
C TRP A 533 -28.66 -17.81 -0.37
N ASN A 534 -29.83 -17.35 -0.77
CA ASN A 534 -30.88 -16.95 0.17
C ASN A 534 -32.19 -17.67 -0.15
N ALA A 535 -33.26 -17.24 0.48
CA ALA A 535 -34.62 -17.74 0.21
C ALA A 535 -35.49 -16.82 -0.66
N LEU A 536 -34.87 -15.80 -1.24
CA LEU A 536 -35.61 -14.75 -1.95
C LEU A 536 -36.56 -15.27 -3.04
N SER A 537 -37.66 -14.57 -3.26
CA SER A 537 -38.65 -15.00 -4.22
C SER A 537 -39.27 -13.85 -5.00
N GLY A 538 -40.15 -14.19 -5.92
CA GLY A 538 -40.79 -13.20 -6.74
C GLY A 538 -40.06 -13.01 -8.06
N SER A 539 -40.32 -11.85 -8.66
CA SER A 539 -39.76 -11.46 -9.94
C SER A 539 -38.38 -10.78 -9.81
N ILE A 540 -37.49 -10.95 -10.78
CA ILE A 540 -36.34 -10.06 -10.88
C ILE A 540 -36.83 -8.75 -11.48
N PRO A 541 -36.74 -7.66 -10.71
CA PRO A 541 -37.31 -6.38 -11.13
C PRO A 541 -36.62 -5.80 -12.37
N SER A 542 -37.40 -5.24 -13.29
CA SER A 542 -36.84 -4.51 -14.44
C SER A 542 -36.11 -3.22 -14.04
N SER A 543 -36.51 -2.67 -12.91
CA SER A 543 -35.94 -1.43 -12.39
C SER A 543 -34.47 -1.57 -12.00
N LEU A 544 -33.96 -2.79 -11.93
CA LEU A 544 -32.57 -3.01 -11.61
C LEU A 544 -31.69 -2.46 -12.72
N SER A 545 -32.26 -2.33 -13.92
CA SER A 545 -31.52 -1.76 -15.04
C SER A 545 -31.07 -0.33 -14.74
N GLY A 546 -31.64 0.26 -13.70
CA GLY A 546 -31.24 1.59 -13.28
C GLY A 546 -30.00 1.62 -12.39
N MET A 547 -29.38 0.48 -12.11
CA MET A 547 -28.22 0.54 -11.25
C MET A 547 -27.03 0.70 -12.17
N THR A 548 -26.57 1.94 -12.35
CA THR A 548 -25.78 2.19 -13.55
C THR A 548 -24.31 1.78 -13.44
N SER A 549 -23.77 1.78 -12.23
CA SER A 549 -22.39 1.41 -11.94
C SER A 549 -22.23 -0.08 -11.70
N LEU A 550 -23.28 -0.85 -11.88
CA LEU A 550 -23.25 -2.26 -11.53
C LEU A 550 -22.31 -3.12 -12.40
N GLU A 551 -21.42 -3.82 -11.71
CA GLU A 551 -20.37 -4.66 -12.30
C GLU A 551 -20.66 -6.13 -12.09
N ALA A 552 -20.94 -6.49 -10.83
CA ALA A 552 -21.28 -7.86 -10.47
C ALA A 552 -22.68 -7.97 -9.84
N LEU A 553 -23.53 -8.78 -10.46
CA LEU A 553 -24.85 -9.07 -9.89
C LEU A 553 -25.00 -10.55 -9.66
N ASP A 554 -25.03 -10.99 -8.39
CA ASP A 554 -25.23 -12.42 -8.14
C ASP A 554 -26.56 -12.69 -7.44
N LEU A 555 -27.49 -13.27 -8.18
CA LEU A 555 -28.78 -13.72 -7.66
C LEU A 555 -28.91 -15.22 -7.47
N SER A 556 -27.83 -15.97 -7.69
CA SER A 556 -27.92 -17.42 -7.77
C SER A 556 -28.40 -18.11 -6.48
N ASN A 557 -28.93 -19.33 -6.60
CA ASN A 557 -29.37 -20.11 -5.43
C ASN A 557 -30.40 -19.41 -4.55
N ASN A 558 -31.47 -18.95 -5.17
CA ASN A 558 -32.62 -18.42 -4.46
C ASN A 558 -33.82 -19.21 -4.99
N ARG A 559 -35.04 -18.82 -4.66
CA ARG A 559 -36.12 -19.32 -5.49
C ARG A 559 -36.81 -18.13 -6.13
N LEU A 560 -36.36 -17.77 -7.33
CA LEU A 560 -36.88 -16.60 -8.01
C LEU A 560 -37.60 -17.10 -9.24
N SER A 561 -38.65 -16.42 -9.64
CA SER A 561 -39.50 -16.92 -10.71
C SER A 561 -39.71 -15.87 -11.79
N GLY A 562 -40.24 -16.32 -12.92
CA GLY A 562 -40.46 -15.46 -14.05
C GLY A 562 -39.26 -15.47 -14.98
N SER A 563 -39.04 -14.36 -15.66
CA SER A 563 -38.04 -14.31 -16.71
C SER A 563 -36.97 -13.28 -16.40
N ILE A 564 -35.82 -13.41 -17.06
CA ILE A 564 -34.78 -12.39 -16.97
C ILE A 564 -35.25 -11.15 -17.74
N PRO A 565 -35.40 -10.02 -17.05
CA PRO A 565 -35.91 -8.86 -17.78
C PRO A 565 -34.89 -8.32 -18.81
N VAL A 566 -35.38 -8.05 -20.01
CA VAL A 566 -34.53 -7.60 -21.12
C VAL A 566 -33.75 -6.33 -20.76
N SER A 567 -34.33 -5.51 -19.90
CA SER A 567 -33.74 -4.21 -19.55
C SER A 567 -32.35 -4.35 -18.95
N LEU A 568 -32.08 -5.51 -18.37
CA LEU A 568 -30.78 -5.78 -17.78
C LEU A 568 -29.61 -5.61 -18.76
N GLN A 569 -29.90 -5.66 -20.05
CA GLN A 569 -28.85 -5.51 -21.05
C GLN A 569 -28.37 -4.07 -21.21
N GLN A 570 -29.05 -3.17 -20.52
CA GLN A 570 -28.67 -1.77 -20.43
C GLN A 570 -27.73 -1.51 -19.25
N LEU A 571 -27.29 -2.56 -18.58
CA LEU A 571 -26.25 -2.35 -17.58
C LEU A 571 -24.90 -2.47 -18.31
N SER A 572 -24.28 -1.31 -18.53
CA SER A 572 -23.12 -1.16 -19.41
C SER A 572 -21.89 -1.81 -18.85
N PHE A 573 -21.77 -1.78 -17.54
CA PHE A 573 -20.56 -2.25 -16.87
C PHE A 573 -20.65 -3.65 -16.32
N LEU A 574 -21.75 -4.34 -16.56
CA LEU A 574 -21.92 -5.61 -15.89
C LEU A 574 -21.06 -6.66 -16.59
N SER A 575 -20.02 -7.12 -15.91
CA SER A 575 -19.21 -8.23 -16.40
C SER A 575 -19.41 -9.57 -15.70
N LYS A 576 -20.16 -9.57 -14.60
CA LYS A 576 -20.26 -10.75 -13.76
C LYS A 576 -21.72 -10.94 -13.34
N PHE A 577 -22.32 -12.03 -13.78
CA PHE A 577 -23.75 -12.22 -13.61
C PHE A 577 -24.06 -13.69 -13.35
N SER A 578 -24.88 -13.98 -12.35
CA SER A 578 -25.44 -15.33 -12.18
C SER A 578 -26.87 -15.35 -11.63
N VAL A 579 -27.76 -16.01 -12.35
CA VAL A 579 -29.07 -16.44 -11.85
C VAL A 579 -29.22 -17.94 -11.54
N ALA A 580 -28.12 -18.69 -11.59
CA ALA A 580 -28.19 -20.14 -11.46
C ALA A 580 -28.93 -20.63 -10.20
N TYR A 581 -29.59 -21.78 -10.32
CA TYR A 581 -30.36 -22.40 -9.23
C TYR A 581 -31.51 -21.54 -8.73
N ASN A 582 -32.38 -21.14 -9.67
CA ASN A 582 -33.62 -20.45 -9.36
C ASN A 582 -34.85 -21.16 -9.99
N ASN A 583 -36.01 -20.51 -9.96
CA ASN A 583 -37.18 -20.97 -10.71
C ASN A 583 -37.45 -20.31 -12.08
N LEU A 584 -36.47 -19.58 -12.61
CA LEU A 584 -36.66 -18.75 -13.81
C LEU A 584 -36.99 -19.51 -15.09
N SER A 585 -37.65 -18.80 -16.02
CA SER A 585 -38.13 -19.38 -17.27
C SER A 585 -38.02 -18.42 -18.44
N GLY A 586 -37.98 -18.96 -19.65
CA GLY A 586 -38.02 -18.15 -20.86
C GLY A 586 -36.67 -18.07 -21.55
N VAL A 587 -36.52 -17.04 -22.31
CA VAL A 587 -35.36 -16.80 -23.11
C VAL A 587 -34.29 -16.05 -22.30
N ILE A 588 -33.01 -16.41 -22.40
CA ILE A 588 -31.97 -15.50 -22.00
C ILE A 588 -31.90 -14.45 -23.09
N PRO A 589 -31.91 -13.17 -22.69
CA PRO A 589 -31.83 -12.07 -23.66
C PRO A 589 -30.57 -12.13 -24.54
N SER A 590 -30.74 -12.07 -25.83
CA SER A 590 -29.65 -12.20 -26.76
C SER A 590 -28.76 -10.96 -27.03
N GLY A 591 -27.56 -11.20 -27.50
CA GLY A 591 -26.65 -10.15 -27.90
C GLY A 591 -26.11 -9.36 -26.72
N GLY A 592 -25.79 -8.12 -26.97
CA GLY A 592 -25.22 -7.25 -25.97
C GLY A 592 -24.39 -7.81 -24.86
N GLN A 593 -24.82 -7.54 -23.66
CA GLN A 593 -24.07 -7.92 -22.48
C GLN A 593 -24.20 -9.39 -22.09
N PHE A 594 -25.39 -9.96 -22.28
CA PHE A 594 -25.68 -11.29 -21.75
C PHE A 594 -25.03 -12.44 -22.50
N GLN A 595 -24.56 -12.19 -23.72
CA GLN A 595 -23.94 -13.27 -24.50
C GLN A 595 -22.56 -13.62 -23.95
N THR A 596 -21.98 -12.69 -23.20
CA THR A 596 -20.66 -12.89 -22.62
C THR A 596 -20.63 -13.83 -21.40
N PHE A 597 -21.78 -13.98 -20.73
CA PHE A 597 -21.86 -14.83 -19.54
C PHE A 597 -21.86 -16.32 -19.93
N PRO A 598 -21.14 -17.15 -19.16
CA PRO A 598 -21.05 -18.60 -19.38
C PRO A 598 -22.32 -19.34 -18.93
N ASN A 599 -22.58 -20.52 -19.51
CA ASN A 599 -23.80 -21.29 -19.26
C ASN A 599 -24.10 -21.41 -17.77
N SER A 600 -23.05 -21.56 -16.97
CA SER A 600 -23.16 -21.72 -15.52
C SER A 600 -23.92 -20.58 -14.85
N SER A 601 -24.03 -19.45 -15.53
CA SER A 601 -24.71 -18.29 -14.99
C SER A 601 -26.21 -18.50 -15.00
N PHE A 602 -26.68 -19.28 -15.96
CA PHE A 602 -28.11 -19.63 -16.07
C PHE A 602 -28.55 -21.05 -15.68
N GLU A 603 -27.63 -21.92 -15.25
CA GLU A 603 -27.99 -23.34 -15.08
C GLU A 603 -29.00 -23.59 -13.95
N SER A 604 -29.61 -24.77 -13.97
CA SER A 604 -30.62 -25.16 -13.00
C SER A 604 -31.79 -24.17 -12.98
N ASN A 605 -32.27 -23.82 -14.16
CA ASN A 605 -33.49 -23.04 -14.34
C ASN A 605 -34.20 -23.64 -15.54
N HIS A 606 -35.24 -22.97 -15.98
CA HIS A 606 -35.85 -23.27 -17.28
C HIS A 606 -35.45 -22.35 -18.43
N LEU A 607 -34.41 -21.55 -18.19
CA LEU A 607 -33.87 -20.64 -19.20
C LEU A 607 -33.18 -21.30 -20.39
N CYS A 608 -33.44 -20.76 -21.57
CA CYS A 608 -32.84 -21.26 -22.80
C CYS A 608 -32.36 -20.08 -23.60
N GLY A 609 -31.35 -20.31 -24.44
CA GLY A 609 -30.90 -19.30 -25.37
C GLY A 609 -31.98 -19.08 -26.40
N GLU A 610 -32.00 -17.89 -27.00
CA GLU A 610 -32.99 -17.56 -28.02
C GLU A 610 -33.00 -18.62 -29.12
N HIS A 611 -34.22 -18.98 -29.55
CA HIS A 611 -34.42 -20.01 -30.59
C HIS A 611 -34.16 -21.44 -30.13
N ARG A 612 -33.72 -21.60 -28.88
CA ARG A 612 -33.54 -22.92 -28.26
C ARG A 612 -34.65 -23.43 -27.29
N PHE A 613 -35.72 -22.67 -27.11
CA PHE A 613 -36.80 -23.06 -26.16
C PHE A 613 -37.89 -23.93 -26.81
N PRO A 614 -38.28 -25.03 -26.14
CA PRO A 614 -37.72 -25.55 -24.89
C PRO A 614 -36.42 -26.32 -25.13
N CYS A 615 -35.59 -26.41 -24.11
CA CYS A 615 -34.34 -27.18 -24.15
C CYS A 615 -34.41 -28.33 -23.15
N SER A 616 -34.50 -28.00 -21.87
CA SER A 616 -34.72 -29.02 -20.86
C SER A 616 -35.53 -28.47 -19.69
N TYS B 1 -14.38 -12.50 3.46
CA TYS B 1 -14.24 -11.71 4.69
CB TYS B 1 -14.24 -12.62 5.93
CG TYS B 1 -13.13 -13.61 5.91
CD1 TYS B 1 -11.92 -13.33 6.54
CD2 TYS B 1 -13.24 -14.81 5.19
CE1 TYS B 1 -10.87 -14.22 6.49
CE2 TYS B 1 -12.19 -15.70 5.13
CZ TYS B 1 -11.00 -15.40 5.79
OH TYS B 1 -9.98 -16.20 5.72
S TYS B 1 -9.78 -17.64 6.40
O1 TYS B 1 -8.53 -18.20 5.83
O2 TYS B 1 -10.97 -18.54 6.05
O3 TYS B 1 -9.63 -17.49 7.93
C TYS B 1 -12.96 -10.84 4.59
O TYS B 1 -11.98 -11.21 3.92
N ILE B 2 -12.99 -9.69 5.23
CA ILE B 2 -11.82 -8.83 5.28
C ILE B 2 -10.96 -9.15 6.49
N TYS B 3 -9.65 -9.23 6.28
CA TYS B 3 -8.72 -9.38 7.39
CB TYS B 3 -8.28 -10.83 7.61
CG TYS B 3 -7.44 -11.37 6.48
CD1 TYS B 3 -6.04 -11.34 6.53
CD2 TYS B 3 -8.03 -11.93 5.35
CE1 TYS B 3 -5.28 -11.84 5.50
CE2 TYS B 3 -7.27 -12.42 4.32
CZ TYS B 3 -5.89 -12.38 4.39
OH TYS B 3 -5.18 -12.86 3.40
S TYS B 3 -4.41 -14.28 3.55
O1 TYS B 3 -5.44 -15.32 3.84
O2 TYS B 3 -3.42 -14.23 4.73
O3 TYS B 3 -3.68 -14.69 2.26
C TYS B 3 -7.49 -8.53 7.13
O TYS B 3 -7.32 -7.87 6.10
N THR B 4 -6.57 -8.61 8.08
CA THR B 4 -5.49 -7.68 8.13
C THR B 4 -4.30 -8.49 8.66
N GLN B 5 -3.07 -8.06 8.41
CA GLN B 5 -1.91 -8.89 8.80
C GLN B 5 -0.55 -8.16 8.97
C1 NAG C . -4.47 -16.82 11.25
C2 NAG C . -4.07 -17.04 9.80
C3 NAG C . -3.71 -18.48 9.56
C4 NAG C . -2.62 -18.89 10.50
C5 NAG C . -2.99 -18.64 11.96
C6 NAG C . -1.71 -18.78 12.78
C7 NAG C . -5.37 -15.51 8.45
C8 NAG C . -6.51 -15.34 7.50
N2 NAG C . -5.18 -16.73 8.92
O3 NAG C . -3.19 -18.61 8.27
O4 NAG C . -2.33 -20.24 10.29
O5 NAG C . -3.53 -17.34 12.18
O6 NAG C . -1.96 -18.55 14.15
O7 NAG C . -4.67 -14.56 8.79
C1 NAG D . -19.00 -19.36 6.31
C2 NAG D . -18.28 -20.20 5.25
C3 NAG D . -17.78 -21.51 5.80
C4 NAG D . -16.93 -21.24 7.03
C5 NAG D . -17.78 -20.48 8.04
C6 NAG D . -16.95 -20.20 9.30
C7 NAG D . -18.90 -19.93 2.95
C8 NAG D . -19.44 -20.60 1.72
N2 NAG D . -19.14 -20.50 4.12
O3 NAG D . -17.07 -22.21 4.82
O4 NAG D . -16.52 -22.47 7.59
O5 NAG D . -18.23 -19.26 7.50
O6 NAG D . -17.69 -19.33 10.13
O7 NAG D . -18.25 -18.88 2.86
C1 NAG E . -7.21 12.90 18.27
C2 NAG E . -5.85 13.43 18.74
C3 NAG E . -5.68 14.92 18.49
C4 NAG E . -6.11 15.30 17.07
C5 NAG E . -7.55 14.80 16.90
C6 NAG E . -8.17 15.26 15.59
C7 NAG E . -4.64 12.45 20.59
C8 NAG E . -4.41 12.42 22.07
N2 NAG E . -5.69 13.14 20.15
O3 NAG E . -4.34 15.29 18.70
O4 NAG E . -5.99 16.69 16.81
O5 NAG E . -7.52 13.39 16.96
O6 NAG E . -7.30 14.87 14.55
O7 NAG E . -3.88 11.86 19.84
C1 NAG F . 16.68 16.96 -11.56
C2 NAG F . 16.71 17.22 -10.06
C3 NAG F . 15.36 16.89 -9.41
C4 NAG F . 14.20 17.53 -10.17
C5 NAG F . 14.36 17.02 -11.60
C6 NAG F . 13.17 17.25 -12.51
C7 NAG F . 18.49 17.01 -8.48
C8 NAG F . 19.60 16.20 -7.85
N2 NAG F . 17.79 16.47 -9.46
O3 NAG F . 15.37 17.31 -8.07
O4 NAG F . 12.93 17.20 -9.60
O5 NAG F . 15.55 17.61 -12.11
O6 NAG F . 13.27 18.51 -13.12
O7 NAG F . 18.24 18.14 -8.07
C1 NAG G . 11.26 3.35 31.23
C2 NAG G . 12.10 2.92 32.43
C3 NAG G . 12.16 4.03 33.47
C4 NAG G . 12.68 5.30 32.82
C5 NAG G . 11.73 5.63 31.67
C6 NAG G . 12.14 6.93 30.99
C7 NAG G . 12.06 0.54 32.82
C8 NAG G . 11.20 -0.64 33.16
N2 NAG G . 11.52 1.73 33.04
O3 NAG G . 12.95 3.64 34.57
O4 NAG G . 12.76 6.36 33.74
O5 NAG G . 11.74 4.57 30.71
O6 NAG G . 13.43 6.76 30.48
O7 NAG G . 13.20 0.41 32.36
C1 NAG H . -15.95 -10.49 29.90
C2 NAG H . -16.02 -11.16 31.29
C3 NAG H . -17.13 -10.65 32.21
C4 NAG H . -17.14 -9.14 32.17
C5 NAG H . -17.27 -8.64 30.74
C6 NAG H . -17.29 -7.12 30.69
C7 NAG H . -15.14 -13.38 31.36
C8 NAG H . -15.29 -14.81 30.93
N2 NAG H . -16.18 -12.59 31.11
O3 NAG H . -16.99 -11.14 33.53
O4 NAG H . -18.21 -8.66 32.97
O5 NAG H . -16.21 -9.09 29.92
O6 NAG H . -16.07 -6.61 31.21
O7 NAG H . -14.12 -12.96 31.90
C1 NAG I . 41.33 8.39 -9.36
C2 NAG I . 41.00 7.05 -10.04
C3 NAG I . 42.18 6.54 -10.84
C4 NAG I . 42.71 7.64 -11.77
C5 NAG I . 43.06 8.84 -10.91
C6 NAG I . 43.65 9.96 -11.77
C7 NAG I . 39.46 5.41 -9.12
C8 NAG I . 39.31 4.26 -8.14
N2 NAG I . 40.62 6.06 -9.06
O3 NAG I . 41.78 5.41 -11.58
O4 NAG I . 43.83 7.19 -12.51
O5 NAG I . 41.88 9.30 -10.29
O6 NAG I . 42.57 10.61 -12.40
O7 NAG I . 38.53 5.67 -9.90
C1 NAG J . 6.13 -12.99 4.53
C2 NAG J . 5.63 -12.26 3.26
C3 NAG J . 5.73 -13.10 1.98
C4 NAG J . 7.15 -13.69 1.88
C5 NAG J . 7.44 -14.42 3.17
C6 NAG J . 8.79 -15.07 3.08
C7 NAG J . 4.01 -10.50 3.32
C8 NAG J . 2.57 -10.10 3.27
N2 NAG J . 4.26 -11.80 3.42
O3 NAG J . 5.45 -12.31 0.85
O4 NAG J . 7.24 -14.57 0.78
O5 NAG J . 7.43 -13.49 4.25
O6 NAG J . 9.72 -14.09 3.49
O7 NAG J . 4.93 -9.66 3.28
C1 NAG K . 36.47 2.35 12.73
C2 NAG K . 35.10 2.09 13.32
C3 NAG K . 34.10 2.95 12.60
C4 NAG K . 34.59 4.35 12.79
C5 NAG K . 35.80 4.48 11.86
C6 NAG K . 36.19 5.94 11.65
C7 NAG K . 34.07 0.06 14.02
C8 NAG K . 33.57 -1.30 13.61
N2 NAG K . 34.64 0.75 13.04
O4 NAG K . 33.53 5.21 12.48
O5 NAG K . 36.87 3.67 12.35
O6 NAG K . 35.41 6.81 12.46
O7 NAG K . 33.98 0.51 15.16
#